data_4ZTT
#
_entry.id   4ZTT
#
_cell.length_a   128.816
_cell.length_b   128.816
_cell.length_c   172.247
_cell.angle_alpha   90.00
_cell.angle_beta   90.00
_cell.angle_gamma   90.00
#
_symmetry.space_group_name_H-M   'I 4'
#
loop_
_entity.id
_entity.type
_entity.pdbx_description
1 polymer ferritin
2 polymer ferritin
3 non-polymer MU-OXO-DIIRON
4 non-polymer 'HYDROXIDE ION'
5 non-polymer GLYCEROL
6 non-polymer 'FE (III) ION'
7 non-polymer 'FE (II) ION'
8 non-polymer 'OXYGEN MOLECULE'
9 non-polymer 'PEROXIDE ION'
10 non-polymer 'OXYGEN ATOM'
11 water water
#
loop_
_entity_poly.entity_id
_entity_poly.type
_entity_poly.pdbx_seq_one_letter_code
_entity_poly.pdbx_strand_id
1 'polypeptide(L)'
;HHLKPEMIEKLNEQMNLELYASLLYQQMSAWCSYHTFEGAAAFLRRHAQEEMTHMQRLFDYLTDTGNLPRINTVESPFAE
YSSLDELFQETYKHEQLITQKINELAHAAMTNQDYPTFNFLQWYVSEQHEEEKLFKSIIDKLSLAGKSGEGLYFIDKELS
TLDTQN
;
A,B,C,D,E
2 'polypeptide(L)'
;HHLKPEMIEKLNEQMNLELYASLLYQQMSAWCSYHTFEGAAAFLRRHAQEEMTHMQRLFDYLTDTGNLPRINTVESPFAE
YSSLDELFQETYKHEQLITQKINELAHAAMTNQDYPTFNFLQWYVSE(A1L4B)HEEEKLFKSIIDKLSLAGKSGEGLYF
IDKELSTLDTQN
;
F
#
# COMPACT_ATOMS: atom_id res chain seq x y z
N LEU A 3 18.86 -43.82 10.17
CA LEU A 3 17.40 -43.84 10.00
C LEU A 3 16.87 -45.27 9.92
N LYS A 4 15.65 -45.48 10.41
CA LYS A 4 15.00 -46.72 10.28
C LYS A 4 14.49 -46.83 8.82
N PRO A 5 14.41 -48.06 8.33
CA PRO A 5 13.87 -48.33 6.99
C PRO A 5 12.55 -47.61 6.64
N GLU A 6 11.55 -47.68 7.53
CA GLU A 6 10.31 -46.97 7.35
C GLU A 6 10.57 -45.45 7.02
N MET A 7 11.44 -44.81 7.79
N MET A 7 11.42 -44.83 7.83
CA MET A 7 11.70 -43.37 7.63
CA MET A 7 11.72 -43.44 7.65
C MET A 7 12.43 -43.09 6.30
C MET A 7 12.30 -43.27 6.25
N ILE A 8 13.42 -43.94 5.97
CA ILE A 8 14.14 -43.85 4.67
C ILE A 8 13.10 -43.88 3.52
N GLU A 9 12.22 -44.86 3.59
CA GLU A 9 11.24 -45.04 2.54
C GLU A 9 10.28 -43.83 2.45
N LYS A 10 9.76 -43.35 3.56
CA LYS A 10 8.85 -42.23 3.51
C LYS A 10 9.52 -40.93 3.07
N LEU A 11 10.80 -40.76 3.47
CA LEU A 11 11.54 -39.62 3.03
C LEU A 11 11.79 -39.68 1.51
N ASN A 12 12.14 -40.83 1.04
CA ASN A 12 12.46 -41.01 -0.37
C ASN A 12 11.20 -40.78 -1.21
N GLU A 13 10.08 -41.32 -0.75
CA GLU A 13 8.79 -41.06 -1.37
C GLU A 13 8.50 -39.57 -1.41
N GLN A 14 8.64 -38.84 -0.29
CA GLN A 14 8.38 -37.41 -0.31
C GLN A 14 9.31 -36.66 -1.30
N MET A 15 10.58 -37.03 -1.34
N MET A 15 10.59 -37.00 -1.32
CA MET A 15 11.53 -36.45 -2.33
CA MET A 15 11.47 -36.35 -2.33
C MET A 15 10.93 -36.55 -3.75
C MET A 15 10.88 -36.51 -3.74
N ASN A 16 10.45 -37.75 -4.08
CA ASN A 16 9.78 -38.00 -5.33
C ASN A 16 8.48 -37.23 -5.53
N LEU A 17 7.71 -37.00 -4.47
CA LEU A 17 6.49 -36.17 -4.53
C LEU A 17 6.80 -34.71 -4.81
N GLU A 18 7.92 -34.19 -4.26
CA GLU A 18 8.33 -32.88 -4.51
C GLU A 18 8.79 -32.71 -5.98
N LEU A 19 9.53 -33.71 -6.46
CA LEU A 19 9.93 -33.74 -7.92
C LEU A 19 8.66 -33.70 -8.75
N TYR A 20 7.70 -34.58 -8.48
CA TYR A 20 6.47 -34.58 -9.22
C TYR A 20 5.78 -33.24 -9.17
N ALA A 21 5.70 -32.59 -7.98
CA ALA A 21 5.13 -31.26 -7.89
C ALA A 21 5.77 -30.23 -8.85
N SER A 22 7.08 -30.24 -8.93
CA SER A 22 7.83 -29.39 -9.83
C SER A 22 7.34 -29.59 -11.30
N LEU A 23 7.37 -30.84 -11.74
CA LEU A 23 6.96 -31.24 -13.09
C LEU A 23 5.51 -30.97 -13.40
N LEU A 24 4.63 -31.20 -12.42
CA LEU A 24 3.25 -30.81 -12.52
C LEU A 24 3.08 -29.31 -12.72
N TYR A 25 3.74 -28.46 -11.93
CA TYR A 25 3.61 -27.04 -12.06
C TYR A 25 4.22 -26.62 -13.42
N GLN A 26 5.36 -27.18 -13.79
CA GLN A 26 5.88 -26.91 -15.14
C GLN A 26 4.86 -27.22 -16.26
N GLN A 27 4.27 -28.38 -16.19
CA GLN A 27 3.29 -28.87 -17.13
C GLN A 27 2.04 -27.96 -17.12
N MET A 28 1.58 -27.55 -15.94
CA MET A 28 0.47 -26.58 -15.88
C MET A 28 0.84 -25.21 -16.52
N SER A 29 2.10 -24.78 -16.39
N SER A 29 2.11 -24.79 -16.36
CA SER A 29 2.52 -23.55 -17.02
CA SER A 29 2.63 -23.58 -16.99
C SER A 29 2.36 -23.66 -18.56
C SER A 29 2.45 -23.65 -18.54
N ALA A 30 2.56 -24.83 -19.12
CA ALA A 30 2.40 -25.02 -20.59
C ALA A 30 0.95 -24.89 -20.93
N TRP A 31 0.05 -25.50 -20.17
CA TRP A 31 -1.40 -25.28 -20.38
C TRP A 31 -1.73 -23.78 -20.35
N CYS A 32 -1.21 -23.04 -19.35
CA CYS A 32 -1.49 -21.65 -19.19
C CYS A 32 -1.00 -20.85 -20.45
N SER A 33 0.28 -21.01 -20.82
N SER A 33 0.27 -21.05 -20.78
CA SER A 33 0.80 -20.36 -22.06
CA SER A 33 0.86 -20.49 -21.97
C SER A 33 -0.08 -20.70 -23.25
C SER A 33 -0.01 -20.72 -23.20
N TYR A 34 -0.39 -21.96 -23.37
CA TYR A 34 -1.19 -22.44 -24.52
C TYR A 34 -2.51 -21.73 -24.54
N HIS A 35 -3.10 -21.38 -23.39
CA HIS A 35 -4.39 -20.74 -23.33
C HIS A 35 -4.33 -19.25 -23.14
N THR A 36 -3.14 -18.68 -23.32
CA THR A 36 -2.89 -17.22 -23.38
C THR A 36 -2.72 -16.56 -22.02
N PHE A 37 -2.68 -17.38 -20.94
CA PHE A 37 -2.40 -16.83 -19.63
C PHE A 37 -0.94 -16.85 -19.32
N GLU A 38 -0.18 -15.89 -19.85
CA GLU A 38 1.23 -15.93 -19.73
C GLU A 38 1.69 -15.52 -18.34
N GLY A 39 0.91 -14.75 -17.61
CA GLY A 39 1.18 -14.43 -16.24
C GLY A 39 1.08 -15.59 -15.28
N ALA A 40 -0.03 -16.33 -15.42
CA ALA A 40 -0.19 -17.59 -14.69
C ALA A 40 0.95 -18.55 -15.06
N ALA A 41 1.29 -18.63 -16.35
CA ALA A 41 2.44 -19.44 -16.72
C ALA A 41 3.73 -19.03 -16.02
N ALA A 42 4.04 -17.73 -15.98
CA ALA A 42 5.29 -17.27 -15.30
C ALA A 42 5.31 -17.69 -13.81
N PHE A 43 4.15 -17.54 -13.18
CA PHE A 43 4.05 -17.86 -11.77
C PHE A 43 4.34 -19.37 -11.54
N LEU A 44 3.69 -20.23 -12.33
CA LEU A 44 3.88 -21.66 -12.20
C LEU A 44 5.31 -22.14 -12.58
N ARG A 45 5.94 -21.52 -13.61
CA ARG A 45 7.36 -21.78 -13.91
C ARG A 45 8.27 -21.45 -12.72
N ARG A 46 8.13 -20.27 -12.14
CA ARG A 46 8.79 -19.89 -10.92
C ARG A 46 8.52 -20.96 -9.78
N HIS A 47 7.28 -21.28 -9.56
CA HIS A 47 6.94 -22.29 -8.52
C HIS A 47 7.51 -23.66 -8.78
N ALA A 48 7.50 -24.09 -10.02
CA ALA A 48 8.23 -25.34 -10.37
C ALA A 48 9.69 -25.35 -9.92
N GLN A 49 10.39 -24.21 -10.11
N GLN A 49 10.43 -24.24 -10.10
CA GLN A 49 11.75 -24.09 -9.62
CA GLN A 49 11.84 -24.19 -9.63
C GLN A 49 11.82 -24.26 -8.15
C GLN A 49 11.89 -24.19 -8.11
N GLU A 50 10.91 -23.56 -7.47
CA GLU A 50 10.78 -23.75 -5.99
C GLU A 50 10.63 -25.19 -5.55
N GLU A 51 9.76 -25.99 -6.20
CA GLU A 51 9.53 -27.37 -5.75
C GLU A 51 10.82 -28.15 -5.95
N MET A 52 11.66 -27.81 -6.96
CA MET A 52 12.90 -28.52 -7.11
C MET A 52 13.78 -28.29 -5.92
N THR A 53 13.74 -27.11 -5.33
CA THR A 53 14.56 -26.91 -4.14
C THR A 53 14.05 -27.78 -2.93
N HIS A 54 12.75 -27.94 -2.82
CA HIS A 54 12.15 -28.84 -1.86
C HIS A 54 12.59 -30.28 -2.05
N MET A 55 12.57 -30.76 -3.29
N MET A 55 12.75 -30.70 -3.30
CA MET A 55 13.07 -32.08 -3.62
CA MET A 55 13.38 -31.93 -3.66
C MET A 55 14.49 -32.19 -3.15
C MET A 55 14.85 -32.06 -3.25
N GLN A 56 15.26 -31.17 -3.46
N GLN A 56 15.66 -31.07 -3.55
CA GLN A 56 16.73 -31.12 -3.24
CA GLN A 56 17.05 -31.18 -3.19
C GLN A 56 17.15 -31.23 -1.76
C GLN A 56 17.21 -31.28 -1.65
N ARG A 57 16.41 -30.51 -0.95
CA ARG A 57 16.53 -30.51 0.53
C ARG A 57 16.34 -31.91 1.09
N LEU A 58 15.42 -32.71 0.57
CA LEU A 58 15.19 -34.11 0.99
C LEU A 58 16.34 -35.01 0.49
N PHE A 59 16.69 -34.75 -0.78
CA PHE A 59 17.80 -35.47 -1.43
C PHE A 59 19.06 -35.32 -0.52
N ASP A 60 19.34 -34.13 -0.11
CA ASP A 60 20.55 -33.87 0.65
C ASP A 60 20.48 -34.46 2.10
N TYR A 61 19.30 -34.43 2.71
CA TYR A 61 19.12 -35.07 4.02
C TYR A 61 19.43 -36.59 3.98
N LEU A 62 18.87 -37.25 2.97
CA LEU A 62 19.10 -38.65 2.69
C LEU A 62 20.63 -38.91 2.47
N THR A 63 21.30 -38.12 1.65
CA THR A 63 22.81 -38.32 1.41
C THR A 63 23.56 -38.05 2.70
N ASP A 64 23.24 -36.95 3.36
CA ASP A 64 23.82 -36.60 4.67
C ASP A 64 23.75 -37.71 5.66
N THR A 65 22.67 -38.46 5.69
CA THR A 65 22.50 -39.48 6.67
C THR A 65 23.04 -40.85 6.25
N GLY A 66 23.80 -40.88 5.15
CA GLY A 66 24.45 -42.11 4.64
C GLY A 66 23.54 -42.95 3.81
N ASN A 67 22.49 -42.36 3.26
CA ASN A 67 21.56 -43.18 2.54
C ASN A 67 21.73 -42.75 1.04
N LEU A 68 21.09 -43.48 0.16
CA LEU A 68 21.19 -43.25 -1.26
C LEU A 68 19.79 -42.83 -1.73
N PRO A 69 19.53 -41.57 -1.96
CA PRO A 69 18.17 -41.24 -2.48
C PRO A 69 17.96 -41.85 -3.87
N ARG A 70 16.73 -42.21 -4.21
CA ARG A 70 16.49 -42.83 -5.46
C ARG A 70 15.29 -42.13 -6.12
N ILE A 71 15.58 -41.53 -7.23
CA ILE A 71 14.57 -40.93 -8.11
C ILE A 71 13.90 -42.07 -8.86
N ASN A 72 12.63 -42.22 -8.61
CA ASN A 72 11.88 -43.33 -9.14
C ASN A 72 11.24 -42.87 -10.51
N THR A 73 10.64 -43.81 -11.24
CA THR A 73 9.80 -43.48 -12.42
C THR A 73 8.85 -42.37 -12.02
N VAL A 74 8.81 -41.36 -12.85
CA VAL A 74 7.84 -40.25 -12.74
C VAL A 74 6.69 -40.39 -13.71
N GLU A 75 5.50 -40.35 -13.16
CA GLU A 75 4.27 -40.43 -13.96
C GLU A 75 4.14 -39.12 -14.69
N SER A 76 3.67 -39.23 -15.95
CA SER A 76 3.45 -38.02 -16.71
C SER A 76 2.51 -37.10 -15.94
N PRO A 77 2.81 -35.78 -15.83
CA PRO A 77 1.85 -34.84 -15.22
C PRO A 77 0.78 -34.25 -16.20
N PHE A 78 0.78 -34.76 -17.43
CA PHE A 78 -0.03 -34.21 -18.51
C PHE A 78 -1.49 -34.38 -18.08
N ALA A 79 -2.22 -33.31 -18.20
CA ALA A 79 -3.65 -33.31 -17.96
C ALA A 79 -4.34 -32.25 -18.81
N GLU A 80 -5.64 -32.44 -18.91
CA GLU A 80 -6.46 -31.41 -19.48
C GLU A 80 -7.10 -30.62 -18.32
N TYR A 81 -7.37 -29.36 -18.54
CA TYR A 81 -8.10 -28.55 -17.59
C TYR A 81 -9.18 -27.81 -18.39
N SER A 82 -10.30 -27.57 -17.76
CA SER A 82 -11.47 -26.96 -18.43
C SER A 82 -11.40 -25.46 -18.28
N SER A 83 -10.56 -24.97 -17.36
CA SER A 83 -10.42 -23.51 -17.09
C SER A 83 -9.27 -23.24 -16.21
N LEU A 84 -8.87 -21.98 -16.23
CA LEU A 84 -7.83 -21.56 -15.33
C LEU A 84 -8.25 -21.74 -13.86
N ASP A 85 -9.49 -21.47 -13.54
CA ASP A 85 -9.95 -21.88 -12.22
C ASP A 85 -9.72 -23.33 -11.81
N GLU A 86 -10.02 -24.26 -12.69
CA GLU A 86 -9.96 -25.66 -12.35
C GLU A 86 -8.52 -26.05 -12.21
N LEU A 87 -7.65 -25.49 -13.04
CA LEU A 87 -6.20 -25.66 -12.88
C LEU A 87 -5.70 -25.31 -11.49
N PHE A 88 -6.09 -24.13 -11.05
CA PHE A 88 -5.66 -23.64 -9.73
C PHE A 88 -6.39 -24.37 -8.59
N GLN A 89 -7.59 -24.95 -8.81
CA GLN A 89 -8.18 -25.87 -7.83
C GLN A 89 -7.31 -27.09 -7.66
N GLU A 90 -6.80 -27.62 -8.79
CA GLU A 90 -5.89 -28.74 -8.75
C GLU A 90 -4.54 -28.46 -8.10
N THR A 91 -3.96 -27.29 -8.29
N THR A 91 -3.95 -27.29 -8.28
CA THR A 91 -2.72 -26.91 -7.60
CA THR A 91 -2.67 -26.99 -7.62
C THR A 91 -2.94 -26.95 -6.06
C THR A 91 -2.89 -26.86 -6.08
N TYR A 92 -4.07 -26.43 -5.67
CA TYR A 92 -4.41 -26.33 -4.24
C TYR A 92 -4.58 -27.72 -3.65
N LYS A 93 -5.35 -28.55 -4.31
CA LYS A 93 -5.49 -29.98 -3.89
C LYS A 93 -4.14 -30.72 -3.82
N HIS A 94 -3.27 -30.46 -4.78
CA HIS A 94 -1.93 -31.03 -4.74
C HIS A 94 -1.15 -30.59 -3.49
N GLU A 95 -1.24 -29.30 -3.17
CA GLU A 95 -0.47 -28.77 -2.08
C GLU A 95 -1.08 -29.32 -0.78
N GLN A 96 -2.41 -29.52 -0.76
CA GLN A 96 -3.00 -30.18 0.43
C GLN A 96 -2.52 -31.62 0.63
N LEU A 97 -2.28 -32.39 -0.47
CA LEU A 97 -1.72 -33.68 -0.47
C LEU A 97 -0.27 -33.62 0.07
N ILE A 98 0.55 -32.68 -0.43
CA ILE A 98 1.92 -32.56 0.10
C ILE A 98 1.90 -32.24 1.64
N THR A 99 1.02 -31.35 2.04
CA THR A 99 0.83 -31.05 3.46
C THR A 99 0.54 -32.33 4.25
N GLN A 100 -0.37 -33.12 3.77
CA GLN A 100 -0.75 -34.32 4.46
C GLN A 100 0.37 -35.25 4.55
N LYS A 101 1.07 -35.54 3.46
CA LYS A 101 2.21 -36.44 3.57
C LYS A 101 3.31 -35.93 4.50
N ILE A 102 3.55 -34.63 4.51
CA ILE A 102 4.53 -34.04 5.49
C ILE A 102 4.06 -34.31 6.95
N ASN A 103 2.80 -34.08 7.23
CA ASN A 103 2.22 -34.50 8.53
C ASN A 103 2.36 -35.94 8.89
N GLU A 104 2.10 -36.84 7.97
CA GLU A 104 2.36 -38.24 8.18
C GLU A 104 3.85 -38.52 8.54
N LEU A 105 4.78 -37.90 7.80
CA LEU A 105 6.21 -38.02 8.01
C LEU A 105 6.55 -37.49 9.44
N ALA A 106 6.00 -36.32 9.81
CA ALA A 106 6.24 -35.77 11.16
C ALA A 106 5.76 -36.73 12.27
N HIS A 107 4.59 -37.32 12.04
CA HIS A 107 4.01 -38.28 12.97
C HIS A 107 4.90 -39.52 13.07
N ALA A 108 5.35 -40.02 11.97
CA ALA A 108 6.19 -41.18 11.95
C ALA A 108 7.54 -40.94 12.68
N ALA A 109 8.11 -39.77 12.45
CA ALA A 109 9.35 -39.35 13.07
C ALA A 109 9.12 -39.34 14.59
N MET A 110 8.04 -38.73 15.02
N MET A 110 8.04 -38.72 15.04
CA MET A 110 7.80 -38.60 16.44
CA MET A 110 7.69 -38.65 16.47
C MET A 110 7.59 -39.98 17.09
C MET A 110 7.59 -40.03 17.10
N THR A 111 6.74 -40.84 16.51
CA THR A 111 6.51 -42.27 16.88
C THR A 111 7.71 -43.14 16.91
N ASN A 112 8.63 -42.89 16.00
CA ASN A 112 9.85 -43.65 15.96
C ASN A 112 10.97 -43.07 16.83
N GLN A 113 10.67 -42.00 17.55
CA GLN A 113 11.65 -41.25 18.33
C GLN A 113 12.83 -40.86 17.47
N ASP A 114 12.58 -40.40 16.25
CA ASP A 114 13.60 -39.94 15.38
C ASP A 114 13.63 -38.40 15.43
N TYR A 115 14.35 -37.85 16.41
CA TYR A 115 14.31 -36.42 16.61
C TYR A 115 15.07 -35.65 15.53
N PRO A 116 16.18 -36.16 14.98
CA PRO A 116 16.81 -35.43 13.86
C PRO A 116 15.83 -35.27 12.63
N THR A 117 15.11 -36.32 12.30
CA THR A 117 14.12 -36.17 11.19
C THR A 117 12.94 -35.32 11.54
N PHE A 118 12.41 -35.41 12.76
CA PHE A 118 11.34 -34.53 13.16
C PHE A 118 11.73 -33.08 13.02
N ASN A 119 12.93 -32.76 13.47
CA ASN A 119 13.52 -31.45 13.36
C ASN A 119 13.66 -31.02 11.87
N PHE A 120 14.26 -31.84 11.05
CA PHE A 120 14.45 -31.61 9.66
C PHE A 120 13.09 -31.27 8.99
N LEU A 121 12.09 -32.04 9.36
CA LEU A 121 10.77 -31.88 8.84
C LEU A 121 10.04 -30.57 9.12
N GLN A 122 10.34 -29.89 10.22
CA GLN A 122 9.72 -28.63 10.64
C GLN A 122 9.80 -27.61 9.49
N TRP A 123 10.89 -27.60 8.71
CA TRP A 123 11.03 -26.66 7.56
C TRP A 123 9.84 -26.84 6.61
N TYR A 124 9.52 -28.09 6.35
CA TYR A 124 8.37 -28.45 5.51
C TYR A 124 7.06 -28.16 6.12
N VAL A 125 6.90 -28.43 7.41
CA VAL A 125 5.62 -28.06 8.03
C VAL A 125 5.30 -26.55 7.85
N SER A 126 6.28 -25.70 8.16
CA SER A 126 6.25 -24.30 8.05
C SER A 126 6.00 -23.89 6.53
N GLU A 127 6.78 -24.50 5.65
CA GLU A 127 6.65 -24.19 4.18
C GLU A 127 5.27 -24.49 3.69
N GLN A 128 4.73 -25.63 4.08
CA GLN A 128 3.42 -26.06 3.64
C GLN A 128 2.31 -25.21 4.14
N HIS A 129 2.48 -24.62 5.32
CA HIS A 129 1.53 -23.57 5.78
C HIS A 129 1.50 -22.35 4.81
N GLU A 130 2.69 -21.94 4.36
CA GLU A 130 2.85 -20.78 3.42
C GLU A 130 2.30 -21.15 2.03
N GLU A 131 2.61 -22.38 1.57
CA GLU A 131 2.11 -22.92 0.27
C GLU A 131 0.59 -22.87 0.25
N GLU A 132 -0.10 -23.39 1.30
CA GLU A 132 -1.50 -23.39 1.23
C GLU A 132 -2.07 -22.01 1.23
N LYS A 133 -1.49 -21.09 1.99
CA LYS A 133 -1.96 -19.70 2.01
C LYS A 133 -1.85 -19.04 0.59
N LEU A 134 -0.74 -19.32 -0.05
CA LEU A 134 -0.47 -18.77 -1.41
C LEU A 134 -1.43 -19.30 -2.44
N PHE A 135 -1.58 -20.63 -2.52
CA PHE A 135 -2.48 -21.17 -3.55
C PHE A 135 -3.92 -20.90 -3.21
N LYS A 136 -4.24 -20.85 -1.91
CA LYS A 136 -5.61 -20.39 -1.54
C LYS A 136 -5.90 -18.99 -2.03
N SER A 137 -4.94 -18.08 -1.84
CA SER A 137 -5.06 -16.66 -2.26
C SER A 137 -5.41 -16.59 -3.75
N ILE A 138 -4.77 -17.42 -4.57
CA ILE A 138 -5.00 -17.47 -5.98
C ILE A 138 -6.40 -17.90 -6.33
N ILE A 139 -6.87 -19.06 -5.83
N ILE A 139 -6.85 -19.01 -5.74
CA ILE A 139 -8.24 -19.45 -6.00
CA ILE A 139 -8.17 -19.47 -6.00
C ILE A 139 -9.19 -18.31 -5.58
C ILE A 139 -9.25 -18.54 -5.43
N ASP A 140 -8.92 -17.74 -4.41
CA ASP A 140 -9.79 -16.67 -3.88
C ASP A 140 -9.93 -15.45 -4.82
N LYS A 141 -8.87 -15.09 -5.46
CA LYS A 141 -8.84 -14.06 -6.46
C LYS A 141 -9.62 -14.41 -7.65
N LEU A 142 -9.40 -15.62 -8.15
CA LEU A 142 -10.26 -16.13 -9.20
C LEU A 142 -11.77 -16.19 -8.87
N SER A 143 -12.21 -16.64 -7.66
CA SER A 143 -13.62 -16.63 -7.31
C SER A 143 -14.22 -15.27 -7.37
N LEU A 144 -13.43 -14.29 -6.97
CA LEU A 144 -13.90 -12.97 -6.85
C LEU A 144 -14.06 -12.40 -8.22
N ALA A 145 -12.94 -12.31 -8.95
CA ALA A 145 -12.85 -11.57 -10.20
C ALA A 145 -12.83 -12.38 -11.48
N GLY A 146 -12.83 -13.71 -11.38
CA GLY A 146 -12.40 -14.53 -12.55
C GLY A 146 -13.53 -14.90 -13.52
N LYS A 147 -14.75 -14.40 -13.30
CA LYS A 147 -15.94 -14.84 -14.09
C LYS A 147 -16.03 -14.12 -15.48
N SER A 148 -15.11 -13.23 -15.77
CA SER A 148 -15.07 -12.50 -17.06
C SER A 148 -13.66 -12.48 -17.70
N GLY A 149 -13.62 -12.20 -19.00
CA GLY A 149 -12.32 -12.04 -19.72
C GLY A 149 -11.47 -10.94 -19.07
N GLU A 150 -12.05 -9.76 -18.79
N GLU A 150 -12.08 -9.78 -18.77
CA GLU A 150 -11.30 -8.71 -18.05
CA GLU A 150 -11.37 -8.69 -18.08
C GLU A 150 -10.75 -9.16 -16.68
C GLU A 150 -10.81 -9.10 -16.69
N GLY A 151 -11.58 -9.82 -15.90
CA GLY A 151 -11.15 -10.26 -14.57
C GLY A 151 -9.97 -11.20 -14.73
N LEU A 152 -10.03 -12.06 -15.75
CA LEU A 152 -8.95 -13.06 -15.93
C LEU A 152 -7.72 -12.36 -16.36
N TYR A 153 -7.91 -11.40 -17.27
CA TYR A 153 -6.85 -10.47 -17.68
C TYR A 153 -6.09 -9.83 -16.53
N PHE A 154 -6.83 -9.31 -15.56
CA PHE A 154 -6.16 -8.69 -14.41
C PHE A 154 -5.52 -9.67 -13.46
N ILE A 155 -6.19 -10.78 -13.24
CA ILE A 155 -5.59 -11.81 -12.35
C ILE A 155 -4.34 -12.40 -12.99
N ASP A 156 -4.41 -12.66 -14.28
CA ASP A 156 -3.22 -13.06 -15.00
C ASP A 156 -2.04 -12.08 -14.85
N LYS A 157 -2.31 -10.80 -14.96
CA LYS A 157 -1.26 -9.82 -14.78
C LYS A 157 -0.72 -9.83 -13.37
N GLU A 158 -1.59 -9.96 -12.40
CA GLU A 158 -1.17 -10.08 -10.99
C GLU A 158 -0.22 -11.28 -10.72
N LEU A 159 -0.56 -12.42 -11.36
CA LEU A 159 0.23 -13.67 -11.32
C LEU A 159 1.62 -13.48 -11.89
N SER A 160 1.76 -12.61 -12.93
CA SER A 160 3.03 -12.43 -13.59
C SER A 160 4.10 -12.03 -12.65
N THR A 161 3.75 -11.30 -11.62
CA THR A 161 4.79 -10.93 -10.63
C THR A 161 4.47 -11.37 -9.23
N LEU A 162 3.46 -12.23 -9.07
CA LEU A 162 3.12 -12.67 -7.73
C LEU A 162 4.27 -13.45 -7.07
N ASP A 163 4.49 -13.11 -5.79
CA ASP A 163 5.40 -13.84 -4.90
C ASP A 163 6.80 -13.73 -5.44
N THR A 164 7.27 -12.50 -5.80
CA THR A 164 8.65 -12.33 -6.36
C THR A 164 9.64 -11.43 -5.61
N HIS B 1 3.36 54.07 -32.22
CA HIS B 1 4.36 53.36 -31.39
C HIS B 1 3.70 52.56 -30.23
N HIS B 2 2.39 52.76 -29.96
CA HIS B 2 1.69 51.93 -28.96
C HIS B 2 0.64 51.10 -29.61
N LEU B 3 0.11 50.15 -28.83
CA LEU B 3 -0.97 49.25 -29.28
C LEU B 3 -2.20 50.08 -29.60
N LYS B 4 -2.98 49.67 -30.58
CA LYS B 4 -4.28 50.33 -30.78
C LYS B 4 -5.26 49.97 -29.69
N PRO B 5 -6.22 50.88 -29.45
CA PRO B 5 -7.25 50.61 -28.42
C PRO B 5 -8.04 49.36 -28.66
N GLU B 6 -8.35 49.05 -29.92
CA GLU B 6 -9.13 47.80 -30.22
C GLU B 6 -8.33 46.58 -29.66
N MET B 7 -7.01 46.55 -29.91
CA MET B 7 -6.16 45.47 -29.59
C MET B 7 -6.00 45.35 -28.04
N ILE B 8 -5.72 46.48 -27.41
CA ILE B 8 -5.70 46.58 -25.93
C ILE B 8 -6.93 45.94 -25.33
N GLU B 9 -8.09 46.34 -25.77
CA GLU B 9 -9.32 45.81 -25.24
C GLU B 9 -9.56 44.38 -25.53
N LYS B 10 -9.22 43.90 -26.71
CA LYS B 10 -9.42 42.47 -27.03
C LYS B 10 -8.48 41.58 -26.21
N LEU B 11 -7.30 42.10 -25.89
CA LEU B 11 -6.32 41.34 -25.08
C LEU B 11 -6.91 41.38 -23.64
N ASN B 12 -7.42 42.54 -23.20
CA ASN B 12 -8.02 42.65 -21.85
C ASN B 12 -9.21 41.65 -21.70
N GLU B 13 -10.05 41.59 -22.71
CA GLU B 13 -11.12 40.66 -22.70
C GLU B 13 -10.68 39.18 -22.69
N GLN B 14 -9.68 38.77 -23.48
CA GLN B 14 -9.18 37.42 -23.33
C GLN B 14 -8.56 37.16 -22.00
N MET B 15 -7.87 38.12 -21.40
CA MET B 15 -7.39 37.97 -19.98
C MET B 15 -8.57 37.58 -19.05
N ASN B 16 -9.70 38.30 -19.18
CA ASN B 16 -10.95 37.95 -18.50
C ASN B 16 -11.52 36.58 -18.80
N LEU B 17 -11.46 36.12 -20.06
CA LEU B 17 -11.93 34.83 -20.43
C LEU B 17 -11.03 33.74 -19.80
N GLU B 18 -9.71 33.96 -19.74
CA GLU B 18 -8.85 33.01 -19.07
C GLU B 18 -9.20 32.83 -17.60
N LEU B 19 -9.39 33.98 -16.96
CA LEU B 19 -9.82 34.02 -15.52
C LEU B 19 -11.10 33.23 -15.37
N TYR B 20 -12.07 33.53 -16.18
CA TYR B 20 -13.33 32.73 -16.19
C TYR B 20 -13.09 31.25 -16.34
N ALA B 21 -12.30 30.85 -17.34
CA ALA B 21 -11.96 29.45 -17.50
C ALA B 21 -11.42 28.84 -16.19
N SER B 22 -10.49 29.54 -15.47
CA SER B 22 -10.01 29.06 -14.17
C SER B 22 -11.12 28.80 -13.22
N LEU B 23 -12.03 29.75 -13.09
CA LEU B 23 -13.09 29.69 -12.11
C LEU B 23 -14.09 28.63 -12.49
N LEU B 24 -14.30 28.49 -13.78
CA LEU B 24 -15.12 27.35 -14.26
C LEU B 24 -14.60 25.95 -13.91
N TYR B 25 -13.34 25.71 -14.17
CA TYR B 25 -12.70 24.42 -13.89
C TYR B 25 -12.66 24.22 -12.39
N GLN B 26 -12.33 25.29 -11.68
CA GLN B 26 -12.54 25.20 -10.19
C GLN B 26 -13.93 24.75 -9.73
N GLN B 27 -14.94 25.41 -10.23
CA GLN B 27 -16.26 25.07 -9.89
C GLN B 27 -16.63 23.67 -10.27
N MET B 28 -16.26 23.29 -11.50
CA MET B 28 -16.43 21.89 -11.95
C MET B 28 -15.82 20.87 -11.00
N SER B 29 -14.65 21.19 -10.42
CA SER B 29 -13.94 20.31 -9.48
C SER B 29 -14.86 20.03 -8.30
N ALA B 30 -15.73 20.99 -7.95
CA ALA B 30 -16.62 20.82 -6.80
C ALA B 30 -17.72 19.82 -7.14
N TRP B 31 -18.33 19.93 -8.31
CA TRP B 31 -19.21 18.87 -8.81
C TRP B 31 -18.62 17.49 -8.74
N CYS B 32 -17.41 17.35 -9.28
CA CYS B 32 -16.74 16.07 -9.32
C CYS B 32 -16.55 15.53 -7.86
N SER B 33 -16.04 16.37 -6.97
CA SER B 33 -15.84 15.94 -5.52
C SER B 33 -17.16 15.52 -4.95
N TYR B 34 -18.18 16.34 -5.15
CA TYR B 34 -19.54 16.04 -4.67
C TYR B 34 -20.09 14.69 -5.18
N HIS B 35 -19.74 14.28 -6.40
CA HIS B 35 -20.20 13.02 -7.00
C HIS B 35 -19.24 11.84 -6.90
N THR B 36 -18.22 12.07 -6.07
CA THR B 36 -17.23 11.15 -5.68
C THR B 36 -16.08 10.98 -6.65
N PHE B 37 -15.95 11.84 -7.65
CA PHE B 37 -14.90 11.67 -8.62
C PHE B 37 -13.73 12.51 -8.23
N GLU B 38 -12.98 12.01 -7.24
CA GLU B 38 -11.90 12.77 -6.67
C GLU B 38 -10.71 12.96 -7.58
N GLY B 39 -10.53 12.03 -8.50
CA GLY B 39 -9.45 12.09 -9.45
C GLY B 39 -9.71 13.16 -10.55
N ALA B 40 -10.92 13.14 -11.10
CA ALA B 40 -11.37 14.24 -12.01
C ALA B 40 -11.31 15.64 -11.30
N ALA B 41 -11.71 15.70 -9.99
CA ALA B 41 -11.54 16.91 -9.19
C ALA B 41 -10.16 17.39 -9.13
N ALA B 42 -9.19 16.52 -8.92
CA ALA B 42 -7.81 16.90 -8.79
C ALA B 42 -7.32 17.47 -10.17
N PHE B 43 -7.66 16.81 -11.25
CA PHE B 43 -7.23 17.24 -12.59
C PHE B 43 -7.77 18.69 -12.85
N LEU B 44 -9.06 18.85 -12.56
CA LEU B 44 -9.72 20.14 -12.77
C LEU B 44 -9.15 21.24 -11.90
N ARG B 45 -8.85 20.94 -10.62
CA ARG B 45 -8.12 21.91 -9.78
C ARG B 45 -6.76 22.31 -10.28
N ARG B 46 -5.98 21.32 -10.71
CA ARG B 46 -4.76 21.60 -11.36
C ARG B 46 -4.96 22.46 -12.66
N HIS B 47 -5.90 22.05 -13.47
CA HIS B 47 -6.15 22.81 -14.72
C HIS B 47 -6.64 24.23 -14.45
N ALA B 48 -7.38 24.49 -13.35
CA ALA B 48 -7.78 25.82 -12.99
C ALA B 48 -6.51 26.70 -12.70
N GLN B 49 -5.48 26.15 -12.04
N GLN B 49 -5.47 26.09 -12.13
CA GLN B 49 -4.28 26.92 -11.71
CA GLN B 49 -4.26 26.81 -11.82
C GLN B 49 -3.58 27.24 -13.02
C GLN B 49 -3.52 27.14 -13.11
N GLU B 50 -3.53 26.25 -13.89
N GLU B 50 -3.49 26.22 -14.07
CA GLU B 50 -2.94 26.45 -15.20
CA GLU B 50 -2.88 26.51 -15.37
C GLU B 50 -3.59 27.65 -15.93
C GLU B 50 -3.61 27.68 -16.05
N GLU B 51 -4.94 27.73 -15.97
CA GLU B 51 -5.65 28.87 -16.59
C GLU B 51 -5.23 30.15 -16.00
N MET B 52 -4.99 30.22 -14.66
CA MET B 52 -4.49 31.49 -14.11
C MET B 52 -3.18 31.92 -14.72
N THR B 53 -2.33 30.96 -15.12
CA THR B 53 -1.02 31.31 -15.68
C THR B 53 -1.31 31.86 -17.08
N HIS B 54 -2.37 31.41 -17.77
CA HIS B 54 -2.72 31.96 -19.10
C HIS B 54 -3.25 33.37 -18.92
N MET B 55 -4.02 33.58 -17.86
N MET B 55 -4.03 33.58 -17.87
CA MET B 55 -4.46 34.94 -17.49
CA MET B 55 -4.45 34.93 -17.52
C MET B 55 -3.29 35.88 -17.20
C MET B 55 -3.26 35.85 -17.25
N GLN B 56 -2.30 35.40 -16.46
CA GLN B 56 -1.20 36.21 -16.03
C GLN B 56 -0.32 36.64 -17.26
N ARG B 57 -0.13 35.73 -18.19
CA ARG B 57 0.62 36.00 -19.41
C ARG B 57 0.02 37.16 -20.19
N LEU B 58 -1.31 37.22 -20.27
CA LEU B 58 -1.94 38.37 -20.93
C LEU B 58 -1.82 39.63 -20.11
N PHE B 59 -2.01 39.51 -18.79
CA PHE B 59 -1.79 40.65 -17.85
C PHE B 59 -0.40 41.31 -18.04
N ASP B 60 0.59 40.46 -18.17
CA ASP B 60 1.97 40.85 -18.27
C ASP B 60 2.26 41.54 -19.63
N TYR B 61 1.74 40.97 -20.70
CA TYR B 61 1.77 41.63 -22.01
C TYR B 61 1.21 43.05 -21.96
N LEU B 62 0.00 43.24 -21.34
CA LEU B 62 -0.67 44.49 -21.20
C LEU B 62 0.17 45.48 -20.33
N THR B 63 0.66 45.05 -19.17
CA THR B 63 1.57 45.92 -18.38
C THR B 63 2.91 46.25 -19.11
N ASP B 64 3.46 45.26 -19.78
CA ASP B 64 4.70 45.43 -20.45
C ASP B 64 4.60 46.46 -21.55
N THR B 65 3.40 46.66 -22.11
CA THR B 65 3.26 47.57 -23.20
C THR B 65 2.73 48.89 -22.72
N GLY B 66 2.68 49.12 -21.40
CA GLY B 66 2.28 50.45 -20.86
C GLY B 66 0.80 50.62 -20.60
N ASN B 67 0.05 49.52 -20.54
CA ASN B 67 -1.35 49.57 -20.36
C ASN B 67 -1.77 49.04 -18.98
N LEU B 68 -3.06 49.08 -18.77
CA LEU B 68 -3.58 48.81 -17.43
C LEU B 68 -4.62 47.65 -17.55
N PRO B 69 -4.24 46.41 -17.25
CA PRO B 69 -5.21 45.29 -17.17
C PRO B 69 -6.38 45.61 -16.25
N ARG B 70 -7.56 45.20 -16.70
CA ARG B 70 -8.81 45.46 -15.95
C ARG B 70 -9.60 44.19 -15.77
N ILE B 71 -9.71 43.70 -14.51
CA ILE B 71 -10.56 42.55 -14.16
C ILE B 71 -11.98 43.06 -14.08
N ASN B 72 -12.82 42.53 -14.90
CA ASN B 72 -14.17 43.01 -14.98
C ASN B 72 -15.05 42.21 -14.06
N THR B 73 -16.36 42.51 -14.08
CA THR B 73 -17.42 41.65 -13.40
C THR B 73 -17.19 40.21 -13.87
N VAL B 74 -17.16 39.22 -12.99
CA VAL B 74 -17.01 37.82 -13.45
C VAL B 74 -18.33 37.11 -13.17
N GLU B 75 -18.92 36.49 -14.18
CA GLU B 75 -20.22 35.84 -13.98
C GLU B 75 -19.94 34.58 -13.13
N SER B 76 -20.91 34.17 -12.34
CA SER B 76 -20.79 32.90 -11.60
C SER B 76 -20.64 31.76 -12.58
N PRO B 77 -19.66 30.90 -12.35
CA PRO B 77 -19.51 29.73 -13.16
C PRO B 77 -20.40 28.53 -12.83
N PHE B 78 -21.29 28.70 -11.88
CA PHE B 78 -22.08 27.60 -11.35
C PHE B 78 -22.98 27.02 -12.40
N ALA B 79 -23.01 25.70 -12.48
CA ALA B 79 -23.92 25.01 -13.38
C ALA B 79 -24.23 23.62 -12.79
N GLU B 80 -25.31 23.06 -13.28
CA GLU B 80 -25.62 21.67 -13.06
C GLU B 80 -25.04 20.80 -14.20
N TYR B 81 -24.62 19.57 -13.86
CA TYR B 81 -24.15 18.58 -14.82
C TYR B 81 -24.90 17.26 -14.52
N SER B 82 -25.28 16.57 -15.58
CA SER B 82 -26.02 15.31 -15.44
C SER B 82 -25.10 14.12 -15.29
N SER B 83 -23.77 14.27 -15.54
CA SER B 83 -22.86 13.12 -15.57
C SER B 83 -21.49 13.63 -15.78
N LEU B 84 -20.53 12.86 -15.41
CA LEU B 84 -19.14 13.21 -15.64
C LEU B 84 -18.85 13.45 -17.13
N ASP B 85 -19.40 12.60 -17.99
N ASP B 85 -19.41 12.56 -17.98
CA ASP B 85 -19.27 12.83 -19.42
CA ASP B 85 -19.53 12.72 -19.45
C ASP B 85 -19.86 14.20 -19.94
C ASP B 85 -19.83 14.15 -19.88
N GLU B 86 -21.03 14.62 -19.50
CA GLU B 86 -21.54 15.92 -19.80
C GLU B 86 -20.66 17.05 -19.27
N LEU B 87 -20.08 16.88 -18.06
CA LEU B 87 -19.16 17.91 -17.57
C LEU B 87 -17.98 18.07 -18.53
N PHE B 88 -17.34 16.96 -18.85
CA PHE B 88 -16.17 17.01 -19.75
C PHE B 88 -16.52 17.44 -21.18
N GLN B 89 -17.71 17.11 -21.66
CA GLN B 89 -18.21 17.77 -22.95
C GLN B 89 -18.19 19.24 -22.82
N GLU B 90 -18.64 19.80 -21.68
CA GLU B 90 -18.68 21.23 -21.53
C GLU B 90 -17.24 21.84 -21.43
N THR B 91 -16.30 21.19 -20.76
CA THR B 91 -14.90 21.67 -20.79
C THR B 91 -14.39 21.77 -22.20
N TYR B 92 -14.69 20.77 -23.00
CA TYR B 92 -14.17 20.78 -24.41
C TYR B 92 -14.80 21.88 -25.23
N LYS B 93 -16.10 22.06 -25.13
CA LYS B 93 -16.68 23.27 -25.68
C LYS B 93 -16.18 24.61 -25.23
N HIS B 94 -15.88 24.75 -23.95
CA HIS B 94 -15.25 25.92 -23.47
C HIS B 94 -13.88 26.17 -24.10
N GLU B 95 -13.08 25.13 -24.23
CA GLU B 95 -11.78 25.23 -24.81
C GLU B 95 -11.86 25.54 -26.27
N GLN B 96 -12.86 25.02 -26.94
CA GLN B 96 -13.13 25.52 -28.38
C GLN B 96 -13.55 26.98 -28.49
N LEU B 97 -14.27 27.56 -27.51
CA LEU B 97 -14.55 28.93 -27.46
C LEU B 97 -13.24 29.72 -27.23
N ILE B 98 -12.38 29.25 -26.32
CA ILE B 98 -11.09 29.92 -26.08
C ILE B 98 -10.30 29.98 -27.39
N THR B 99 -10.22 28.82 -28.03
CA THR B 99 -9.55 28.67 -29.36
C THR B 99 -10.05 29.66 -30.34
N GLN B 100 -11.39 29.74 -30.51
N GLN B 100 -11.37 29.81 -30.49
CA GLN B 100 -12.01 30.71 -31.44
CA GLN B 100 -11.90 30.71 -31.51
C GLN B 100 -11.56 32.12 -31.14
C GLN B 100 -11.74 32.19 -31.15
N LYS B 101 -11.69 32.54 -29.86
CA LYS B 101 -11.39 33.93 -29.53
C LYS B 101 -9.91 34.27 -29.77
N ILE B 102 -9.00 33.31 -29.54
CA ILE B 102 -7.57 33.48 -29.83
C ILE B 102 -7.38 33.70 -31.38
N ASN B 103 -8.09 32.90 -32.13
CA ASN B 103 -8.12 33.06 -33.63
C ASN B 103 -8.62 34.40 -34.11
N GLU B 104 -9.73 34.84 -33.52
CA GLU B 104 -10.24 36.15 -33.74
C GLU B 104 -9.23 37.25 -33.36
N LEU B 105 -8.62 37.10 -32.21
CA LEU B 105 -7.53 38.00 -31.77
C LEU B 105 -6.38 38.07 -32.80
N ALA B 106 -5.96 36.88 -33.28
CA ALA B 106 -4.80 36.81 -34.18
C ALA B 106 -5.22 37.50 -35.48
N HIS B 107 -6.45 37.21 -35.90
CA HIS B 107 -7.05 37.88 -37.13
C HIS B 107 -7.09 39.41 -36.98
N ALA B 108 -7.54 39.96 -35.86
CA ALA B 108 -7.55 41.35 -35.65
C ALA B 108 -6.12 41.93 -35.64
N ALA B 109 -5.15 41.24 -35.03
CA ALA B 109 -3.76 41.66 -35.00
C ALA B 109 -3.22 41.79 -36.43
N MET B 110 -3.41 40.78 -37.23
N MET B 110 -3.36 40.76 -37.23
CA MET B 110 -2.97 40.86 -38.62
CA MET B 110 -2.97 40.84 -38.64
C MET B 110 -3.67 41.93 -39.47
C MET B 110 -3.62 42.04 -39.37
N THR B 111 -4.97 42.16 -39.29
CA THR B 111 -5.71 43.14 -40.02
C THR B 111 -5.23 44.55 -39.65
N ASN B 112 -4.85 44.70 -38.39
CA ASN B 112 -4.37 45.96 -37.83
C ASN B 112 -2.89 46.14 -38.00
N GLN B 113 -2.22 45.23 -38.72
CA GLN B 113 -0.80 45.25 -38.82
C GLN B 113 -0.09 45.38 -37.47
N ASP B 114 -0.58 44.66 -36.45
CA ASP B 114 0.01 44.68 -35.15
C ASP B 114 0.88 43.42 -35.07
N TYR B 115 2.13 43.50 -35.57
CA TYR B 115 2.92 42.25 -35.61
C TYR B 115 3.42 41.85 -34.18
N PRO B 116 3.67 42.82 -33.28
CA PRO B 116 4.06 42.41 -31.88
C PRO B 116 2.94 41.54 -31.22
N THR B 117 1.68 41.96 -31.39
CA THR B 117 0.60 41.22 -30.81
C THR B 117 0.39 39.87 -31.51
N PHE B 118 0.47 39.85 -32.86
CA PHE B 118 0.40 38.57 -33.58
C PHE B 118 1.39 37.61 -33.00
N ASN B 119 2.64 38.05 -32.84
CA ASN B 119 3.71 37.28 -32.34
C ASN B 119 3.44 36.74 -30.90
N PHE B 120 3.01 37.65 -30.05
CA PHE B 120 2.64 37.31 -28.70
C PHE B 120 1.59 36.17 -28.64
N LEU B 121 0.60 36.31 -29.49
CA LEU B 121 -0.50 35.38 -29.61
C LEU B 121 -0.17 33.97 -30.05
N GLN B 122 0.99 33.78 -30.67
CA GLN B 122 1.42 32.49 -31.17
C GLN B 122 1.46 31.45 -30.03
N TRP B 123 1.89 31.88 -28.85
CA TRP B 123 1.94 31.08 -27.67
C TRP B 123 0.52 30.45 -27.45
N TYR B 124 -0.51 31.27 -27.49
CA TYR B 124 -1.87 30.80 -27.32
C TYR B 124 -2.39 29.96 -28.46
N VAL B 125 -2.03 30.26 -29.69
CA VAL B 125 -2.43 29.36 -30.79
C VAL B 125 -1.88 27.97 -30.50
N SER B 126 -0.62 27.84 -30.15
CA SER B 126 -0.12 26.48 -29.91
C SER B 126 -0.66 25.88 -28.60
N GLU B 127 -0.86 26.70 -27.60
CA GLU B 127 -1.43 26.23 -26.31
C GLU B 127 -2.82 25.66 -26.55
N GLN B 128 -3.65 26.36 -27.29
CA GLN B 128 -4.99 25.91 -27.58
C GLN B 128 -5.04 24.63 -28.39
N HIS B 129 -4.11 24.44 -29.32
CA HIS B 129 -3.99 23.12 -30.01
C HIS B 129 -3.75 21.96 -28.96
N GLU B 130 -2.87 22.16 -27.97
CA GLU B 130 -2.59 21.19 -26.92
C GLU B 130 -3.79 21.05 -25.94
N GLU B 131 -4.51 22.14 -25.67
CA GLU B 131 -5.63 22.06 -24.76
C GLU B 131 -6.72 21.23 -25.39
N GLU B 132 -7.04 21.53 -26.63
CA GLU B 132 -8.03 20.72 -27.28
C GLU B 132 -7.66 19.22 -27.39
N LYS B 133 -6.41 18.92 -27.67
CA LYS B 133 -5.99 17.54 -27.67
C LYS B 133 -6.20 16.86 -26.28
N LEU B 134 -5.83 17.57 -25.25
CA LEU B 134 -5.98 17.11 -23.83
C LEU B 134 -7.39 16.84 -23.44
N PHE B 135 -8.27 17.82 -23.70
CA PHE B 135 -9.67 17.63 -23.31
C PHE B 135 -10.40 16.67 -24.21
N LYS B 136 -10.05 16.63 -25.51
CA LYS B 136 -10.63 15.54 -26.37
C LYS B 136 -10.19 14.16 -25.87
N SER B 137 -8.94 14.01 -25.43
CA SER B 137 -8.43 12.75 -24.94
C SER B 137 -9.36 12.25 -23.79
N ILE B 138 -9.84 13.13 -22.93
CA ILE B 138 -10.64 12.74 -21.77
C ILE B 138 -12.02 12.28 -22.22
N ILE B 139 -12.69 13.08 -23.05
CA ILE B 139 -13.97 12.65 -23.61
C ILE B 139 -13.82 11.27 -24.30
N ASP B 140 -12.77 11.11 -25.10
CA ASP B 140 -12.48 9.81 -25.75
C ASP B 140 -12.35 8.61 -24.77
N LYS B 141 -11.69 8.82 -23.63
CA LYS B 141 -11.54 7.82 -22.60
C LYS B 141 -12.90 7.50 -22.03
N LEU B 142 -13.66 8.52 -21.64
CA LEU B 142 -15.04 8.33 -21.16
C LEU B 142 -15.93 7.62 -22.16
N SER B 143 -15.81 7.92 -23.45
N SER B 143 -15.81 7.91 -23.45
CA SER B 143 -16.68 7.31 -24.46
CA SER B 143 -16.67 7.26 -24.46
C SER B 143 -16.36 5.83 -24.62
C SER B 143 -16.38 5.77 -24.46
N LEU B 144 -15.10 5.47 -24.40
CA LEU B 144 -14.67 4.14 -24.51
C LEU B 144 -14.95 3.31 -23.27
N ALA B 145 -14.49 3.75 -22.09
CA ALA B 145 -14.65 2.99 -20.88
C ALA B 145 -15.66 3.50 -19.84
N GLY B 146 -16.32 4.64 -20.08
CA GLY B 146 -17.07 5.29 -19.00
C GLY B 146 -18.52 4.88 -18.82
N LYS B 147 -18.94 3.80 -19.47
CA LYS B 147 -20.31 3.41 -19.35
C LYS B 147 -20.58 2.49 -18.12
N SER B 148 -19.61 2.15 -17.31
CA SER B 148 -19.87 1.39 -16.09
C SER B 148 -19.26 2.12 -14.90
N GLY B 149 -19.72 1.80 -13.67
CA GLY B 149 -19.10 2.29 -12.44
C GLY B 149 -17.65 1.89 -12.38
N GLU B 150 -17.33 0.66 -12.73
CA GLU B 150 -15.94 0.23 -12.79
C GLU B 150 -15.07 1.03 -13.81
N GLY B 151 -15.57 1.20 -15.04
CA GLY B 151 -14.93 2.08 -16.05
C GLY B 151 -14.66 3.50 -15.52
N LEU B 152 -15.67 4.11 -14.89
CA LEU B 152 -15.52 5.48 -14.30
C LEU B 152 -14.51 5.47 -13.23
N TYR B 153 -14.49 4.42 -12.42
CA TYR B 153 -13.51 4.25 -11.36
C TYR B 153 -12.11 4.30 -11.91
N PHE B 154 -11.84 3.60 -13.00
CA PHE B 154 -10.51 3.63 -13.60
C PHE B 154 -10.15 4.93 -14.29
N ILE B 155 -11.13 5.46 -14.99
CA ILE B 155 -10.91 6.78 -15.63
C ILE B 155 -10.62 7.86 -14.58
N ASP B 156 -11.37 7.88 -13.50
CA ASP B 156 -11.17 8.78 -12.42
C ASP B 156 -9.79 8.66 -11.89
N LYS B 157 -9.34 7.44 -11.68
CA LYS B 157 -7.97 7.17 -11.20
C LYS B 157 -6.95 7.70 -12.16
N GLU B 158 -7.19 7.53 -13.45
CA GLU B 158 -6.25 8.07 -14.46
C GLU B 158 -6.17 9.61 -14.41
N LEU B 159 -7.34 10.22 -14.28
CA LEU B 159 -7.41 11.71 -14.21
C LEU B 159 -6.68 12.27 -12.99
N SER B 160 -6.63 11.48 -11.90
CA SER B 160 -5.89 11.93 -10.73
C SER B 160 -4.44 12.29 -10.98
N THR B 161 -3.76 11.64 -11.90
CA THR B 161 -2.40 12.01 -12.21
C THR B 161 -2.20 12.47 -13.67
N LEU B 162 -3.29 12.66 -14.40
CA LEU B 162 -3.20 13.05 -15.80
C LEU B 162 -2.53 14.40 -15.97
N ASP B 163 -1.58 14.43 -16.90
CA ASP B 163 -0.91 15.67 -17.33
C ASP B 163 -0.15 16.32 -16.18
N THR B 164 0.62 15.53 -15.42
CA THR B 164 1.34 16.11 -14.27
C THR B 164 2.88 16.20 -14.40
N LEU C 3 -8.01 -27.59 11.32
CA LEU C 3 -7.88 -27.74 12.74
C LEU C 3 -9.11 -28.46 13.36
N LYS C 4 -8.86 -29.26 14.38
CA LYS C 4 -9.90 -29.86 15.23
C LYS C 4 -10.55 -28.75 16.10
N PRO C 5 -11.85 -28.87 16.34
CA PRO C 5 -12.56 -27.97 17.24
C PRO C 5 -11.86 -27.69 18.57
N GLU C 6 -11.32 -28.68 19.27
CA GLU C 6 -10.56 -28.43 20.49
C GLU C 6 -9.43 -27.40 20.24
N MET C 7 -8.71 -27.52 19.11
CA MET C 7 -7.56 -26.70 18.86
C MET C 7 -7.95 -25.24 18.51
N ILE C 8 -8.99 -25.12 17.69
CA ILE C 8 -9.57 -23.82 17.33
C ILE C 8 -9.94 -23.12 18.61
N GLU C 9 -10.64 -23.80 19.52
CA GLU C 9 -11.10 -23.17 20.74
C GLU C 9 -9.93 -22.76 21.67
N LYS C 10 -8.98 -23.66 21.88
CA LYS C 10 -7.82 -23.29 22.70
C LYS C 10 -6.92 -22.17 22.07
N LEU C 11 -6.76 -22.18 20.75
CA LEU C 11 -6.04 -21.09 20.03
C LEU C 11 -6.77 -19.74 20.23
N ASN C 12 -8.10 -19.71 20.05
CA ASN C 12 -8.91 -18.49 20.24
C ASN C 12 -8.85 -17.99 21.64
N GLU C 13 -8.91 -18.91 22.62
CA GLU C 13 -8.78 -18.53 23.97
C GLU C 13 -7.43 -17.91 24.23
N GLN C 14 -6.37 -18.49 23.69
CA GLN C 14 -5.03 -17.89 23.92
C GLN C 14 -4.88 -16.49 23.29
N MET C 15 -5.42 -16.30 22.11
N MET C 15 -5.43 -16.31 22.11
CA MET C 15 -5.50 -14.99 21.47
CA MET C 15 -5.51 -15.01 21.46
C MET C 15 -6.14 -13.95 22.44
C MET C 15 -6.15 -13.95 22.40
N ASN C 16 -7.28 -14.31 22.98
CA ASN C 16 -7.91 -13.48 24.00
C ASN C 16 -7.07 -13.22 25.29
N LEU C 17 -6.32 -14.24 25.79
CA LEU C 17 -5.41 -14.12 26.91
C LEU C 17 -4.28 -13.16 26.57
N GLU C 18 -3.74 -13.17 25.34
CA GLU C 18 -2.68 -12.25 24.98
C GLU C 18 -3.24 -10.79 24.94
N LEU C 19 -4.44 -10.62 24.41
CA LEU C 19 -5.15 -9.33 24.47
C LEU C 19 -5.37 -8.85 25.92
N TYR C 20 -5.87 -9.74 26.79
CA TYR C 20 -5.99 -9.47 28.18
C TYR C 20 -4.65 -9.00 28.77
N ALA C 21 -3.58 -9.76 28.52
CA ALA C 21 -2.26 -9.40 29.01
C ALA C 21 -1.91 -7.95 28.59
N SER C 22 -2.18 -7.62 27.31
CA SER C 22 -1.98 -6.24 26.84
C SER C 22 -2.68 -5.26 27.75
N LEU C 23 -4.00 -5.40 27.92
CA LEU C 23 -4.75 -4.44 28.63
C LEU C 23 -4.41 -4.46 30.14
N LEU C 24 -4.00 -5.60 30.63
CA LEU C 24 -3.49 -5.67 31.98
C LEU C 24 -2.28 -4.82 32.20
N TYR C 25 -1.28 -4.93 31.35
CA TYR C 25 -0.02 -4.22 31.49
C TYR C 25 -0.26 -2.73 31.24
N GLN C 26 -1.20 -2.42 30.35
CA GLN C 26 -1.60 -1.04 30.07
C GLN C 26 -2.18 -0.48 31.38
N GLN C 27 -3.10 -1.19 31.99
CA GLN C 27 -3.71 -0.75 33.25
C GLN C 27 -2.73 -0.62 34.37
N MET C 28 -1.84 -1.60 34.48
CA MET C 28 -0.71 -1.49 35.40
C MET C 28 0.16 -0.23 35.21
N SER C 29 0.43 0.23 33.98
CA SER C 29 1.21 1.40 33.74
C SER C 29 0.55 2.61 34.42
N ALA C 30 -0.78 2.64 34.51
CA ALA C 30 -1.50 3.72 35.18
C ALA C 30 -1.17 3.77 36.65
N TRP C 31 -1.19 2.63 37.34
CA TRP C 31 -0.87 2.57 38.78
C TRP C 31 0.49 3.17 38.95
N CYS C 32 1.43 2.79 38.09
CA CYS C 32 2.82 3.20 38.17
C CYS C 32 2.95 4.75 38.02
N SER C 33 2.31 5.29 36.98
CA SER C 33 2.26 6.71 36.76
C SER C 33 1.69 7.40 37.97
N TYR C 34 0.58 6.91 38.43
CA TYR C 34 -0.11 7.49 39.58
C TYR C 34 0.77 7.52 40.84
N HIS C 35 1.58 6.49 41.05
CA HIS C 35 2.57 6.41 42.11
C HIS C 35 3.95 6.96 41.83
N THR C 36 4.12 7.62 40.68
CA THR C 36 5.31 8.37 40.33
C THR C 36 6.42 7.53 39.73
N PHE C 37 6.10 6.27 39.45
CA PHE C 37 7.08 5.44 38.79
C PHE C 37 6.95 5.46 37.30
N GLU C 38 7.43 6.56 36.68
CA GLU C 38 7.18 6.83 35.27
C GLU C 38 8.05 5.88 34.49
N GLY C 39 9.18 5.38 35.03
CA GLY C 39 10.01 4.46 34.30
C GLY C 39 9.34 3.05 34.13
N ALA C 40 8.85 2.51 35.24
CA ALA C 40 8.03 1.28 35.30
C ALA C 40 6.80 1.45 34.38
N ALA C 41 6.20 2.64 34.42
CA ALA C 41 5.03 2.96 33.53
C ALA C 41 5.39 2.78 32.08
N ALA C 42 6.49 3.35 31.68
CA ALA C 42 6.95 3.31 30.32
C ALA C 42 7.32 1.86 29.86
N PHE C 43 8.04 1.10 30.69
CA PHE C 43 8.27 -0.30 30.39
C PHE C 43 6.95 -1.05 30.16
N LEU C 44 6.01 -0.84 31.05
CA LEU C 44 4.68 -1.52 30.95
C LEU C 44 3.87 -1.11 29.74
N ARG C 45 3.90 0.17 29.42
CA ARG C 45 3.28 0.62 28.12
C ARG C 45 3.94 -0.02 26.92
N ARG C 46 5.28 -0.07 26.84
CA ARG C 46 5.94 -0.79 25.72
C ARG C 46 5.55 -2.30 25.69
N HIS C 47 5.55 -2.92 26.85
CA HIS C 47 5.23 -4.33 26.91
C HIS C 47 3.75 -4.63 26.58
N ALA C 48 2.86 -3.72 26.88
CA ALA C 48 1.45 -3.79 26.39
C ALA C 48 1.40 -3.86 24.88
N GLN C 49 2.21 -3.09 24.20
N GLN C 49 2.18 -3.03 24.20
CA GLN C 49 2.28 -3.13 22.71
CA GLN C 49 2.25 -3.03 22.70
C GLN C 49 2.75 -4.49 22.23
C GLN C 49 2.83 -4.33 22.18
N GLU C 50 3.89 -4.94 22.74
N GLU C 50 3.76 -4.90 22.96
CA GLU C 50 4.35 -6.30 22.49
CA GLU C 50 4.29 -6.21 22.61
C GLU C 50 3.25 -7.37 22.67
C GLU C 50 3.25 -7.32 22.69
N GLU C 51 2.44 -7.32 23.73
CA GLU C 51 1.36 -8.32 23.89
C GLU C 51 0.34 -8.28 22.75
N MET C 52 0.12 -7.10 22.13
CA MET C 52 -0.85 -7.06 21.05
C MET C 52 -0.25 -7.75 19.88
N THR C 53 1.07 -7.70 19.69
CA THR C 53 1.62 -8.42 18.58
C THR C 53 1.50 -9.97 18.78
N HIS C 54 1.58 -10.41 20.04
CA HIS C 54 1.32 -11.83 20.34
C HIS C 54 -0.12 -12.21 20.03
N MET C 55 -1.06 -11.30 20.28
N MET C 55 -1.03 -11.32 20.41
CA MET C 55 -2.46 -11.42 19.82
CA MET C 55 -2.45 -11.47 20.12
C MET C 55 -2.53 -11.61 18.31
C MET C 55 -2.66 -11.60 18.65
N GLN C 56 -1.95 -10.69 17.57
N GLN C 56 -1.95 -10.78 17.91
CA GLN C 56 -2.08 -10.68 16.13
CA GLN C 56 -2.12 -10.62 16.48
C GLN C 56 -1.53 -11.91 15.52
C GLN C 56 -1.61 -11.83 15.73
N ARG C 57 -0.44 -12.44 16.13
CA ARG C 57 0.14 -13.66 15.56
C ARG C 57 -0.83 -14.87 15.67
N LEU C 58 -1.58 -14.99 16.76
CA LEU C 58 -2.58 -15.99 16.87
C LEU C 58 -3.79 -15.72 15.97
N PHE C 59 -4.22 -14.45 15.99
CA PHE C 59 -5.32 -13.97 15.05
C PHE C 59 -5.04 -14.40 13.59
N ASP C 60 -3.85 -14.14 13.13
CA ASP C 60 -3.39 -14.44 11.81
C ASP C 60 -3.37 -15.94 11.53
N TYR C 61 -2.96 -16.74 12.53
CA TYR C 61 -2.88 -18.20 12.31
C TYR C 61 -4.32 -18.71 12.15
N LEU C 62 -5.21 -18.17 12.95
CA LEU C 62 -6.61 -18.55 12.90
C LEU C 62 -7.23 -18.19 11.54
N THR C 63 -6.98 -16.95 11.03
CA THR C 63 -7.55 -16.55 9.76
C THR C 63 -6.89 -17.34 8.61
N ASP C 64 -5.56 -17.55 8.66
CA ASP C 64 -4.83 -18.36 7.71
C ASP C 64 -5.34 -19.74 7.55
N THR C 65 -5.77 -20.35 8.59
CA THR C 65 -6.30 -21.70 8.55
C THR C 65 -7.80 -21.82 8.25
N GLY C 66 -8.45 -20.71 7.94
CA GLY C 66 -9.83 -20.70 7.47
C GLY C 66 -10.80 -20.52 8.61
N ASN C 67 -10.33 -19.99 9.73
CA ASN C 67 -11.21 -19.86 10.91
C ASN C 67 -11.48 -18.36 11.16
N LEU C 68 -12.49 -18.05 11.97
CA LEU C 68 -12.80 -16.74 12.26
C LEU C 68 -12.44 -16.52 13.70
N PRO C 69 -11.29 -15.85 13.99
CA PRO C 69 -11.09 -15.53 15.41
C PRO C 69 -12.17 -14.63 15.97
N ARG C 70 -12.49 -14.84 17.25
N ARG C 70 -12.36 -14.76 17.28
CA ARG C 70 -13.50 -14.04 17.97
CA ARG C 70 -13.38 -14.02 17.97
C ARG C 70 -12.80 -13.42 19.17
C ARG C 70 -12.88 -13.42 19.27
N ILE C 71 -12.90 -12.09 19.21
CA ILE C 71 -12.62 -11.31 20.45
C ILE C 71 -13.82 -11.33 21.33
N ASN C 72 -13.67 -11.96 22.46
CA ASN C 72 -14.72 -12.15 23.42
C ASN C 72 -14.67 -10.99 24.38
N THR C 73 -15.72 -10.90 25.22
CA THR C 73 -15.77 -9.87 26.25
C THR C 73 -14.49 -9.85 27.03
N VAL C 74 -13.95 -8.67 27.31
CA VAL C 74 -12.69 -8.67 28.08
C VAL C 74 -13.07 -8.10 29.45
N GLU C 75 -12.91 -8.86 30.49
CA GLU C 75 -13.17 -8.25 31.82
C GLU C 75 -12.17 -7.15 32.19
N SER C 76 -12.66 -6.15 32.87
CA SER C 76 -11.79 -5.07 33.38
C SER C 76 -10.49 -5.59 33.98
N PRO C 77 -9.35 -5.06 33.57
CA PRO C 77 -8.12 -5.49 34.28
C PRO C 77 -7.81 -4.73 35.55
N PHE C 78 -8.73 -3.87 35.97
CA PHE C 78 -8.47 -2.96 37.08
C PHE C 78 -8.14 -3.74 38.33
N ALA C 79 -7.07 -3.37 39.03
CA ALA C 79 -6.75 -4.01 40.34
C ALA C 79 -6.12 -2.94 41.24
N GLU C 80 -6.13 -3.20 42.53
CA GLU C 80 -5.25 -2.42 43.45
C GLU C 80 -3.94 -3.15 43.59
N TYR C 81 -2.85 -2.40 43.74
CA TYR C 81 -1.53 -2.92 44.10
C TYR C 81 -1.03 -2.21 45.37
N SER C 82 -0.38 -2.96 46.26
CA SER C 82 0.16 -2.36 47.47
C SER C 82 1.56 -1.77 47.29
N SER C 83 2.27 -2.08 46.23
CA SER C 83 3.69 -1.64 46.10
C SER C 83 4.08 -1.99 44.73
N LEU C 84 5.05 -1.29 44.24
CA LEU C 84 5.72 -1.62 42.96
C LEU C 84 6.18 -3.07 42.87
N ASP C 85 6.76 -3.56 43.97
CA ASP C 85 7.19 -4.96 44.03
C ASP C 85 5.98 -5.89 43.84
N GLU C 86 4.87 -5.65 44.56
CA GLU C 86 3.71 -6.50 44.41
C GLU C 86 3.12 -6.52 42.98
N LEU C 87 3.12 -5.35 42.37
CA LEU C 87 2.74 -5.23 40.99
C LEU C 87 3.59 -6.09 40.09
N PHE C 88 4.90 -6.08 40.24
CA PHE C 88 5.71 -6.93 39.34
C PHE C 88 5.68 -8.42 39.74
N GLN C 89 5.30 -8.72 40.99
CA GLN C 89 5.08 -10.13 41.37
C GLN C 89 3.87 -10.61 40.59
N GLU C 90 2.89 -9.76 40.45
CA GLU C 90 1.67 -10.07 39.65
C GLU C 90 1.95 -10.19 38.14
N THR C 91 2.74 -9.32 37.56
CA THR C 91 3.14 -9.52 36.17
C THR C 91 3.86 -10.84 35.94
N TYR C 92 4.74 -11.21 36.89
CA TYR C 92 5.44 -12.47 36.76
C TYR C 92 4.50 -13.68 36.86
N LYS C 93 3.57 -13.66 37.80
CA LYS C 93 2.57 -14.71 37.89
C LYS C 93 1.75 -14.78 36.64
N HIS C 94 1.41 -13.64 36.07
CA HIS C 94 0.65 -13.60 34.83
C HIS C 94 1.39 -14.26 33.67
N GLU C 95 2.66 -13.93 33.50
CA GLU C 95 3.52 -14.57 32.52
C GLU C 95 3.63 -16.05 32.73
N GLN C 96 3.68 -16.50 33.98
CA GLN C 96 3.72 -17.91 34.25
C GLN C 96 2.45 -18.64 33.80
N LEU C 97 1.33 -17.98 33.99
CA LEU C 97 0.09 -18.46 33.54
C LEU C 97 0.05 -18.59 32.02
N ILE C 98 0.48 -17.54 31.29
CA ILE C 98 0.63 -17.59 29.82
C ILE C 98 1.52 -18.75 29.36
N THR C 99 2.70 -18.93 29.96
CA THR C 99 3.59 -20.04 29.68
C THR C 99 2.84 -21.39 29.79
N GLN C 100 2.16 -21.55 30.91
CA GLN C 100 1.41 -22.78 31.16
C GLN C 100 0.31 -23.02 30.13
N LYS C 101 -0.43 -22.02 29.79
CA LYS C 101 -1.39 -22.12 28.69
C LYS C 101 -0.81 -22.52 27.33
N ILE C 102 0.31 -21.95 27.03
CA ILE C 102 1.06 -22.32 25.84
C ILE C 102 1.46 -23.78 25.91
N ASN C 103 2.00 -24.24 27.06
CA ASN C 103 2.40 -25.64 27.19
C ASN C 103 1.23 -26.60 27.02
N GLU C 104 0.08 -26.24 27.57
CA GLU C 104 -1.16 -26.99 27.36
C GLU C 104 -1.58 -27.06 25.90
N LEU C 105 -1.40 -25.94 25.18
CA LEU C 105 -1.71 -25.89 23.77
C LEU C 105 -0.79 -26.84 22.97
N ALA C 106 0.49 -26.80 23.30
CA ALA C 106 1.50 -27.65 22.66
C ALA C 106 1.17 -29.12 22.92
N HIS C 107 0.78 -29.44 24.14
CA HIS C 107 0.41 -30.81 24.52
C HIS C 107 -0.84 -31.26 23.73
N ALA C 108 -1.82 -30.35 23.68
CA ALA C 108 -2.97 -30.59 22.89
C ALA C 108 -2.63 -30.85 21.38
N ALA C 109 -1.76 -30.04 20.80
CA ALA C 109 -1.38 -30.20 19.42
C ALA C 109 -0.77 -31.57 19.24
N MET C 110 0.08 -31.96 20.19
CA MET C 110 0.72 -33.29 20.08
C MET C 110 -0.34 -34.42 20.13
N THR C 111 -1.18 -34.35 21.13
CA THR C 111 -2.26 -35.34 21.32
C THR C 111 -3.18 -35.50 20.17
N ASN C 112 -3.50 -34.37 19.53
CA ASN C 112 -4.32 -34.30 18.34
C ASN C 112 -3.52 -34.56 17.05
N GLN C 113 -2.20 -34.81 17.11
CA GLN C 113 -1.42 -35.02 15.91
C GLN C 113 -1.59 -33.86 14.93
N ASP C 114 -1.49 -32.65 15.46
CA ASP C 114 -1.55 -31.43 14.73
C ASP C 114 -0.18 -30.84 14.63
N TYR C 115 0.60 -31.30 13.65
CA TYR C 115 1.97 -30.83 13.50
C TYR C 115 2.06 -29.35 13.09
N PRO C 116 1.21 -28.85 12.17
CA PRO C 116 1.17 -27.40 11.84
C PRO C 116 1.02 -26.56 13.07
N THR C 117 0.10 -26.95 13.95
CA THR C 117 -0.13 -26.14 15.15
C THR C 117 1.02 -26.28 16.18
N PHE C 118 1.49 -27.48 16.35
CA PHE C 118 2.70 -27.69 17.21
C PHE C 118 3.87 -26.80 16.72
N ASN C 119 4.10 -26.79 15.43
CA ASN C 119 5.16 -25.91 14.87
C ASN C 119 4.94 -24.44 15.14
N PHE C 120 3.71 -23.94 14.87
CA PHE C 120 3.30 -22.59 15.04
C PHE C 120 3.55 -22.15 16.51
N LEU C 121 3.23 -23.05 17.41
CA LEU C 121 3.36 -22.77 18.85
C LEU C 121 4.75 -22.59 19.43
N GLN C 122 5.71 -23.07 18.70
CA GLN C 122 7.11 -23.01 19.10
C GLN C 122 7.59 -21.63 19.24
N TRP C 123 7.04 -20.73 18.47
CA TRP C 123 7.36 -19.29 18.62
C TRP C 123 7.00 -18.83 20.03
N TYR C 124 5.83 -19.25 20.50
CA TYR C 124 5.34 -18.93 21.81
C TYR C 124 6.13 -19.59 22.94
N VAL C 125 6.49 -20.85 22.76
CA VAL C 125 7.36 -21.57 23.74
C VAL C 125 8.67 -20.75 23.96
N SER C 126 9.35 -20.41 22.87
N SER C 126 9.36 -20.45 22.86
CA SER C 126 10.56 -19.64 22.91
CA SER C 126 10.53 -19.56 22.79
C SER C 126 10.35 -18.23 23.46
C SER C 126 10.30 -18.26 23.52
N GLU C 127 9.24 -17.57 23.07
CA GLU C 127 8.93 -16.19 23.53
C GLU C 127 8.70 -16.22 25.04
N GLN C 128 7.96 -17.23 25.51
CA GLN C 128 7.63 -17.34 26.90
C GLN C 128 8.83 -17.62 27.81
N HIS C 129 9.82 -18.33 27.30
CA HIS C 129 11.11 -18.48 28.03
C HIS C 129 11.77 -17.09 28.24
N GLU C 130 11.73 -16.26 27.19
CA GLU C 130 12.31 -14.88 27.24
C GLU C 130 11.48 -14.00 28.17
N GLU C 131 10.16 -14.14 28.15
CA GLU C 131 9.28 -13.35 29.01
C GLU C 131 9.53 -13.65 30.50
N GLU C 132 9.68 -14.93 30.87
CA GLU C 132 9.87 -15.30 32.23
C GLU C 132 11.21 -14.77 32.75
N LYS C 133 12.18 -14.86 31.93
CA LYS C 133 13.51 -14.28 32.24
C LYS C 133 13.44 -12.74 32.48
N LEU C 134 12.88 -12.01 31.54
CA LEU C 134 12.62 -10.56 31.66
C LEU C 134 11.93 -10.22 32.94
N PHE C 135 10.75 -10.82 33.18
CA PHE C 135 10.00 -10.42 34.38
C PHE C 135 10.61 -10.87 35.69
N LYS C 136 11.27 -12.05 35.68
CA LYS C 136 12.04 -12.45 36.86
C LYS C 136 13.20 -11.46 37.13
N SER C 137 13.90 -11.04 36.10
CA SER C 137 15.02 -10.07 36.30
C SER C 137 14.54 -8.81 36.99
N ILE C 138 13.29 -8.38 36.73
CA ILE C 138 12.73 -7.22 37.38
C ILE C 138 12.48 -7.46 38.83
N ILE C 139 11.78 -8.53 39.20
N ILE C 139 11.81 -8.54 39.20
CA ILE C 139 11.62 -8.90 40.57
CA ILE C 139 11.61 -8.78 40.59
C ILE C 139 12.99 -8.95 41.31
C ILE C 139 12.91 -9.09 41.37
N ASP C 140 13.93 -9.61 40.67
CA ASP C 140 15.28 -9.78 41.22
C ASP C 140 15.97 -8.42 41.49
N LYS C 141 15.81 -7.42 40.62
CA LYS C 141 16.37 -6.08 40.86
C LYS C 141 15.69 -5.46 42.05
N LEU C 142 14.37 -5.62 42.11
CA LEU C 142 13.62 -5.00 43.22
C LEU C 142 13.89 -5.63 44.61
N SER C 143 14.13 -6.94 44.58
N SER C 143 14.12 -6.94 44.62
CA SER C 143 14.47 -7.74 45.76
CA SER C 143 14.44 -7.62 45.87
C SER C 143 15.79 -7.31 46.36
C SER C 143 15.77 -7.11 46.38
N LEU C 144 16.72 -6.98 45.47
CA LEU C 144 18.03 -6.61 45.82
C LEU C 144 18.05 -5.20 46.38
N ALA C 145 17.55 -4.26 45.55
CA ALA C 145 17.75 -2.83 45.78
C ALA C 145 16.54 -2.01 46.06
N GLY C 146 15.38 -2.66 46.19
CA GLY C 146 14.08 -1.99 46.13
C GLY C 146 13.50 -1.65 47.48
N LYS C 147 14.29 -1.85 48.52
CA LYS C 147 13.84 -1.59 49.86
C LYS C 147 13.97 -0.16 50.32
N SER C 148 14.45 0.74 49.49
CA SER C 148 14.56 2.18 49.85
C SER C 148 13.98 3.01 48.73
N GLY C 149 13.59 4.24 49.05
CA GLY C 149 13.17 5.14 48.00
C GLY C 149 14.28 5.31 46.99
N GLU C 150 15.54 5.41 47.47
CA GLU C 150 16.66 5.67 46.56
C GLU C 150 16.82 4.47 45.58
N GLY C 151 16.66 3.29 46.17
CA GLY C 151 16.73 2.01 45.38
C GLY C 151 15.66 1.98 44.28
N LEU C 152 14.47 2.39 44.67
CA LEU C 152 13.34 2.35 43.75
C LEU C 152 13.53 3.40 42.67
N TYR C 153 14.06 4.56 43.05
CA TYR C 153 14.43 5.56 42.07
C TYR C 153 15.34 5.00 41.00
N PHE C 154 16.44 4.37 41.40
CA PHE C 154 17.28 3.71 40.38
C PHE C 154 16.66 2.59 39.55
N ILE C 155 15.92 1.73 40.19
CA ILE C 155 15.25 0.66 39.45
C ILE C 155 14.22 1.28 38.44
N ASP C 156 13.47 2.26 38.89
CA ASP C 156 12.51 2.93 37.98
C ASP C 156 13.28 3.49 36.79
N LYS C 157 14.40 4.12 37.05
CA LYS C 157 15.19 4.67 35.97
C LYS C 157 15.63 3.59 34.99
N GLU C 158 15.98 2.42 35.52
CA GLU C 158 16.48 1.34 34.64
C GLU C 158 15.31 0.85 33.79
N LEU C 159 14.17 0.77 34.41
CA LEU C 159 12.98 0.28 33.70
C LEU C 159 12.60 1.22 32.59
N SER C 160 12.86 2.53 32.74
CA SER C 160 12.57 3.48 31.63
C SER C 160 13.18 3.14 30.26
N THR C 161 14.30 2.42 30.18
CA THR C 161 14.89 1.98 28.95
C THR C 161 15.06 0.48 28.79
N LEU C 162 14.61 -0.25 29.77
CA LEU C 162 14.79 -1.71 29.82
C LEU C 162 14.19 -2.32 28.59
N ASP C 163 14.97 -3.16 27.91
CA ASP C 163 14.47 -3.99 26.78
C ASP C 163 14.06 -3.15 25.58
N THR C 164 14.86 -2.16 25.19
CA THR C 164 14.55 -1.23 24.06
C THR C 164 15.59 -1.21 22.92
N LEU D 3 -8.98 18.41 37.07
CA LEU D 3 -10.20 18.29 36.29
C LEU D 3 -11.42 18.12 37.17
N LYS D 4 -12.56 18.49 36.62
CA LYS D 4 -13.78 18.29 37.33
C LYS D 4 -14.26 16.82 37.14
N PRO D 5 -14.90 16.24 38.15
CA PRO D 5 -15.40 14.85 38.06
C PRO D 5 -16.14 14.54 36.77
N GLU D 6 -16.99 15.43 36.32
CA GLU D 6 -17.68 15.21 35.04
C GLU D 6 -16.67 14.98 33.85
N MET D 7 -15.60 15.75 33.81
N MET D 7 -15.64 15.80 33.81
CA MET D 7 -14.67 15.76 32.69
CA MET D 7 -14.68 15.74 32.75
C MET D 7 -13.74 14.53 32.79
C MET D 7 -13.95 14.41 32.85
N ILE D 8 -13.37 14.15 34.01
CA ILE D 8 -12.68 12.88 34.24
C ILE D 8 -13.45 11.68 33.68
N GLU D 9 -14.71 11.62 34.03
CA GLU D 9 -15.56 10.53 33.58
C GLU D 9 -15.74 10.51 32.03
N LYS D 10 -16.05 11.64 31.45
CA LYS D 10 -16.20 11.72 30.02
C LYS D 10 -14.92 11.38 29.30
N LEU D 11 -13.77 11.86 29.79
CA LEU D 11 -12.50 11.50 29.17
C LEU D 11 -12.18 9.99 29.29
N ASN D 12 -12.42 9.45 30.45
CA ASN D 12 -12.20 8.02 30.67
C ASN D 12 -13.16 7.18 29.77
N GLU D 13 -14.37 7.63 29.60
N GLU D 13 -14.43 7.62 29.68
CA GLU D 13 -15.24 6.90 28.72
CA GLU D 13 -15.46 7.02 28.77
C GLU D 13 -14.82 6.99 27.28
C GLU D 13 -14.94 7.04 27.32
N GLN D 14 -14.33 8.14 26.89
CA GLN D 14 -13.76 8.23 25.53
C GLN D 14 -12.57 7.38 25.29
N MET D 15 -11.67 7.34 26.25
N MET D 15 -11.70 7.28 26.30
CA MET D 15 -10.58 6.37 26.20
CA MET D 15 -10.54 6.37 26.28
C MET D 15 -11.08 4.94 25.89
C MET D 15 -10.97 4.92 25.99
N ASN D 16 -12.04 4.50 26.66
CA ASN D 16 -12.69 3.19 26.46
C ASN D 16 -13.38 3.04 25.11
N LEU D 17 -13.96 4.14 24.58
CA LEU D 17 -14.61 4.09 23.27
C LEU D 17 -13.50 3.90 22.17
N GLU D 18 -12.37 4.57 22.30
CA GLU D 18 -11.27 4.39 21.41
C GLU D 18 -10.71 2.93 21.42
N LEU D 19 -10.55 2.37 22.60
CA LEU D 19 -10.23 0.97 22.77
C LEU D 19 -11.26 0.05 22.09
N TYR D 20 -12.53 0.31 22.25
CA TYR D 20 -13.55 -0.45 21.64
C TYR D 20 -13.40 -0.34 20.11
N ALA D 21 -13.20 0.85 19.58
CA ALA D 21 -13.00 1.03 18.14
C ALA D 21 -11.87 0.16 17.65
N SER D 22 -10.70 0.21 18.33
CA SER D 22 -9.62 -0.73 18.06
C SER D 22 -10.02 -2.18 17.90
N LEU D 23 -10.73 -2.69 18.88
CA LEU D 23 -11.18 -4.09 18.94
C LEU D 23 -12.24 -4.36 17.90
N LEU D 24 -13.12 -3.43 17.67
CA LEU D 24 -14.06 -3.53 16.58
C LEU D 24 -13.43 -3.65 15.18
N TYR D 25 -12.48 -2.79 14.81
CA TYR D 25 -11.86 -2.81 13.50
C TYR D 25 -10.98 -4.10 13.42
N GLN D 26 -10.41 -4.51 14.53
CA GLN D 26 -9.68 -5.76 14.54
C GLN D 26 -10.61 -6.97 14.17
N GLN D 27 -11.75 -7.02 14.80
CA GLN D 27 -12.75 -8.09 14.66
C GLN D 27 -13.33 -8.01 13.25
N MET D 28 -13.60 -6.80 12.78
CA MET D 28 -13.95 -6.64 11.35
C MET D 28 -12.88 -7.14 10.40
N SER D 29 -11.60 -6.95 10.71
CA SER D 29 -10.54 -7.44 9.78
C SER D 29 -10.67 -8.98 9.66
N ALA D 30 -11.12 -9.67 10.70
CA ALA D 30 -11.33 -11.11 10.62
C ALA D 30 -12.42 -11.47 9.69
N TRP D 31 -13.55 -10.79 9.79
CA TRP D 31 -14.60 -11.02 8.80
C TRP D 31 -14.09 -10.89 7.40
N CYS D 32 -13.34 -9.83 7.16
CA CYS D 32 -12.86 -9.55 5.85
C CYS D 32 -11.92 -10.68 5.35
N SER D 33 -11.00 -11.14 6.23
CA SER D 33 -10.10 -12.25 5.87
C SER D 33 -10.88 -13.49 5.52
N TYR D 34 -11.80 -13.86 6.40
CA TYR D 34 -12.69 -15.05 6.19
C TYR D 34 -13.45 -15.00 4.89
N HIS D 35 -13.87 -13.81 4.47
CA HIS D 35 -14.57 -13.62 3.19
C HIS D 35 -13.68 -13.27 2.03
N THR D 36 -12.38 -13.41 2.23
CA THR D 36 -11.33 -13.29 1.20
C THR D 36 -10.93 -11.86 0.78
N PHE D 37 -11.36 -10.85 1.54
CA PHE D 37 -10.95 -9.47 1.25
C PHE D 37 -9.76 -9.18 2.08
N GLU D 38 -8.60 -9.60 1.59
CA GLU D 38 -7.44 -9.52 2.41
C GLU D 38 -6.90 -8.08 2.43
N GLY D 39 -7.13 -7.29 1.37
CA GLY D 39 -6.79 -5.90 1.35
C GLY D 39 -7.59 -5.08 2.38
N ALA D 40 -8.93 -5.25 2.42
CA ALA D 40 -9.82 -4.67 3.42
C ALA D 40 -9.34 -5.12 4.83
N ALA D 41 -8.90 -6.37 4.95
CA ALA D 41 -8.47 -6.90 6.27
C ALA D 41 -7.22 -6.14 6.69
N ALA D 42 -6.31 -5.91 5.80
CA ALA D 42 -5.05 -5.24 6.12
C ALA D 42 -5.29 -3.76 6.51
N PHE D 43 -6.17 -3.09 5.77
CA PHE D 43 -6.49 -1.73 6.14
C PHE D 43 -7.08 -1.64 7.57
N LEU D 44 -8.06 -2.50 7.84
CA LEU D 44 -8.70 -2.55 9.18
C LEU D 44 -7.70 -2.93 10.28
N ARG D 45 -6.82 -3.92 10.03
CA ARG D 45 -5.73 -4.19 11.02
C ARG D 45 -4.88 -2.99 11.30
N ARG D 46 -4.44 -2.29 10.28
CA ARG D 46 -3.66 -1.03 10.47
C ARG D 46 -4.46 0.07 11.21
N HIS D 47 -5.74 0.15 10.91
CA HIS D 47 -6.57 1.10 11.53
C HIS D 47 -6.83 0.77 13.00
N ALA D 48 -6.94 -0.50 13.30
CA ALA D 48 -7.06 -0.90 14.65
C ALA D 48 -5.88 -0.40 15.49
N GLN D 49 -4.71 -0.47 14.92
CA GLN D 49 -3.52 -0.02 15.60
C GLN D 49 -3.53 1.45 15.81
N GLU D 50 -4.00 2.17 14.78
N GLU D 50 -3.98 2.18 14.78
CA GLU D 50 -4.18 3.62 14.94
CA GLU D 50 -4.17 3.66 14.95
C GLU D 50 -5.14 3.98 16.08
C GLU D 50 -5.14 3.97 16.11
N GLU D 51 -6.25 3.27 16.21
CA GLU D 51 -7.20 3.50 17.34
C GLU D 51 -6.58 3.29 18.66
N MET D 52 -5.69 2.31 18.78
CA MET D 52 -4.96 2.13 20.04
C MET D 52 -4.14 3.37 20.37
N THR D 53 -3.60 4.06 19.38
CA THR D 53 -2.81 5.29 19.70
C THR D 53 -3.77 6.40 20.17
N HIS D 54 -4.97 6.41 19.64
CA HIS D 54 -5.92 7.35 20.14
C HIS D 54 -6.30 7.08 21.60
N MET D 55 -6.38 5.80 22.00
N MET D 55 -6.58 5.79 21.90
CA MET D 55 -6.51 5.46 23.43
CA MET D 55 -6.91 5.35 23.29
C MET D 55 -5.30 5.97 24.22
C MET D 55 -5.84 5.80 24.26
N GLN D 56 -4.09 5.65 23.77
N GLN D 56 -4.58 5.60 23.86
CA GLN D 56 -2.91 6.03 24.51
CA GLN D 56 -3.35 5.98 24.64
C GLN D 56 -2.82 7.52 24.82
C GLN D 56 -3.23 7.45 24.92
N ARG D 57 -3.36 8.32 23.91
CA ARG D 57 -3.34 9.75 24.07
C ARG D 57 -4.26 10.24 25.15
N LEU D 58 -5.45 9.66 25.25
CA LEU D 58 -6.36 9.96 26.37
C LEU D 58 -5.86 9.41 27.69
N PHE D 59 -5.37 8.17 27.63
CA PHE D 59 -4.80 7.46 28.81
C PHE D 59 -3.74 8.40 29.43
N ASP D 60 -2.85 8.91 28.61
CA ASP D 60 -1.75 9.76 28.97
C ASP D 60 -2.16 11.18 29.51
N TYR D 61 -3.23 11.73 29.00
CA TYR D 61 -3.74 13.02 29.50
C TYR D 61 -4.32 12.80 30.89
N LEU D 62 -5.02 11.70 31.07
CA LEU D 62 -5.58 11.37 32.39
C LEU D 62 -4.48 11.17 33.43
N THR D 63 -3.45 10.40 33.09
CA THR D 63 -2.31 10.17 34.04
C THR D 63 -1.55 11.47 34.25
N ASP D 64 -1.29 12.21 33.17
CA ASP D 64 -0.66 13.51 33.37
C ASP D 64 -1.44 14.44 34.28
N THR D 65 -2.77 14.40 34.36
CA THR D 65 -3.46 15.35 35.15
C THR D 65 -3.68 14.81 36.59
N GLY D 66 -2.94 13.76 36.94
CA GLY D 66 -2.95 13.11 38.24
C GLY D 66 -4.15 12.29 38.48
N ASN D 67 -4.72 11.73 37.41
CA ASN D 67 -5.83 10.85 37.55
C ASN D 67 -5.42 9.41 37.15
N LEU D 68 -6.32 8.49 37.35
CA LEU D 68 -6.00 7.10 37.15
C LEU D 68 -7.02 6.61 36.09
N PRO D 69 -6.59 6.52 34.81
CA PRO D 69 -7.55 5.99 33.81
C PRO D 69 -7.96 4.54 34.15
N ARG D 70 -9.20 4.14 33.88
N ARG D 70 -9.08 4.10 33.63
CA ARG D 70 -9.64 2.78 34.13
CA ARG D 70 -9.60 2.85 34.02
C ARG D 70 -10.12 2.20 32.82
C ARG D 70 -10.23 2.10 32.86
N ILE D 71 -9.53 1.06 32.40
CA ILE D 71 -10.04 0.21 31.28
C ILE D 71 -11.17 -0.61 31.87
N ASN D 72 -12.36 -0.30 31.40
CA ASN D 72 -13.55 -0.95 31.87
C ASN D 72 -13.75 -2.24 31.07
N THR D 73 -14.68 -3.10 31.53
CA THR D 73 -15.11 -4.28 30.73
C THR D 73 -15.42 -3.86 29.29
N VAL D 74 -14.86 -4.57 28.32
CA VAL D 74 -15.16 -4.32 26.88
C VAL D 74 -16.07 -5.44 26.38
N GLU D 75 -17.28 -5.13 26.01
CA GLU D 75 -18.17 -6.07 25.38
C GLU D 75 -17.57 -6.55 24.03
N SER D 76 -17.75 -7.83 23.73
CA SER D 76 -17.25 -8.43 22.50
C SER D 76 -17.73 -7.57 21.36
N PRO D 77 -16.86 -7.32 20.46
CA PRO D 77 -17.27 -6.57 19.28
C PRO D 77 -17.80 -7.46 18.09
N PHE D 78 -17.98 -8.74 18.33
CA PHE D 78 -18.38 -9.68 17.30
C PHE D 78 -19.78 -9.28 16.78
N ALA D 79 -19.93 -9.47 15.45
CA ALA D 79 -21.18 -9.19 14.74
C ALA D 79 -21.19 -9.95 13.41
N GLU D 80 -22.37 -10.17 12.86
CA GLU D 80 -22.46 -10.67 11.52
C GLU D 80 -22.55 -9.46 10.51
N TYR D 81 -22.00 -9.58 9.28
CA TYR D 81 -22.12 -8.60 8.26
C TYR D 81 -22.65 -9.35 7.01
N SER D 82 -23.59 -8.71 6.30
CA SER D 82 -24.20 -9.34 5.09
C SER D 82 -23.29 -9.05 3.92
N SER D 83 -22.39 -8.09 4.00
CA SER D 83 -21.55 -7.71 2.85
C SER D 83 -20.47 -6.83 3.29
N LEU D 84 -19.47 -6.75 2.47
CA LEU D 84 -18.38 -5.84 2.66
C LEU D 84 -18.84 -4.37 2.71
N ASP D 85 -19.70 -3.97 1.76
N ASP D 85 -19.75 -4.00 1.79
CA ASP D 85 -20.31 -2.64 1.85
CA ASP D 85 -20.42 -2.68 1.82
C ASP D 85 -21.03 -2.38 3.20
C ASP D 85 -21.00 -2.40 3.19
N GLU D 86 -21.82 -3.31 3.68
CA GLU D 86 -22.46 -3.16 5.02
C GLU D 86 -21.37 -2.93 6.15
N LEU D 87 -20.33 -3.73 6.12
CA LEU D 87 -19.25 -3.61 7.14
C LEU D 87 -18.69 -2.17 7.12
N PHE D 88 -18.43 -1.64 5.92
CA PHE D 88 -17.84 -0.31 5.83
C PHE D 88 -18.86 0.79 6.15
N GLN D 89 -20.13 0.52 5.94
CA GLN D 89 -21.21 1.46 6.40
C GLN D 89 -21.14 1.53 7.92
N GLU D 90 -20.93 0.38 8.54
CA GLU D 90 -20.83 0.34 10.00
C GLU D 90 -19.60 1.05 10.51
N THR D 91 -18.47 0.90 9.88
CA THR D 91 -17.30 1.64 10.28
C THR D 91 -17.52 3.18 10.24
N TYR D 92 -18.14 3.64 9.13
CA TYR D 92 -18.49 5.08 8.98
C TYR D 92 -19.41 5.54 10.07
N LYS D 93 -20.48 4.77 10.32
CA LYS D 93 -21.31 5.02 11.45
C LYS D 93 -20.58 5.07 12.80
N HIS D 94 -19.73 4.10 13.09
CA HIS D 94 -18.93 4.14 14.31
C HIS D 94 -18.01 5.40 14.39
N GLU D 95 -17.40 5.82 13.30
CA GLU D 95 -16.63 7.06 13.28
C GLU D 95 -17.48 8.29 13.56
N GLN D 96 -18.73 8.31 13.09
CA GLN D 96 -19.63 9.47 13.31
C GLN D 96 -19.96 9.53 14.80
N LEU D 97 -20.05 8.36 15.41
CA LEU D 97 -20.29 8.26 16.84
C LEU D 97 -19.15 8.88 17.61
N ILE D 98 -17.95 8.40 17.28
CA ILE D 98 -16.75 8.91 17.91
C ILE D 98 -16.66 10.47 17.77
N THR D 99 -16.88 10.99 16.56
CA THR D 99 -16.94 12.42 16.24
C THR D 99 -17.92 13.14 17.18
N GLN D 100 -19.13 12.63 17.32
N GLN D 100 -19.14 12.62 17.28
CA GLN D 100 -20.10 13.22 18.23
CA GLN D 100 -20.15 13.13 18.18
C GLN D 100 -19.69 13.21 19.69
C GLN D 100 -19.74 13.17 19.65
N LYS D 101 -19.14 12.08 20.16
CA LYS D 101 -18.67 12.06 21.54
C LYS D 101 -17.52 13.09 21.79
N ILE D 102 -16.66 13.25 20.80
CA ILE D 102 -15.62 14.28 20.87
C ILE D 102 -16.26 15.69 20.92
N ASN D 103 -17.22 15.99 20.05
CA ASN D 103 -17.84 17.34 20.10
C ASN D 103 -18.53 17.58 21.43
N GLU D 104 -19.16 16.56 21.98
CA GLU D 104 -19.72 16.64 23.31
C GLU D 104 -18.73 16.90 24.44
N LEU D 105 -17.56 16.22 24.34
CA LEU D 105 -16.43 16.49 25.22
C LEU D 105 -15.94 17.96 25.09
N ALA D 106 -15.78 18.46 23.85
CA ALA D 106 -15.33 19.85 23.58
C ALA D 106 -16.33 20.83 24.17
N HIS D 107 -17.61 20.55 24.00
CA HIS D 107 -18.67 21.41 24.58
C HIS D 107 -18.65 21.44 26.09
N ALA D 108 -18.43 20.26 26.68
CA ALA D 108 -18.32 20.17 28.13
C ALA D 108 -17.08 20.91 28.64
N ALA D 109 -15.97 20.79 27.90
CA ALA D 109 -14.78 21.50 28.33
C ALA D 109 -15.02 23.02 28.28
N MET D 110 -15.52 23.51 27.16
N MET D 110 -15.55 23.50 27.17
CA MET D 110 -15.76 24.98 27.02
CA MET D 110 -15.90 24.92 26.97
C MET D 110 -16.76 25.48 28.07
C MET D 110 -16.73 25.44 28.10
N THR D 111 -17.83 24.76 28.33
CA THR D 111 -18.77 25.26 29.29
C THR D 111 -18.36 25.09 30.74
N ASN D 112 -17.44 24.16 31.03
CA ASN D 112 -16.79 24.10 32.32
C ASN D 112 -15.56 25.06 32.42
N GLN D 113 -15.24 25.83 31.40
N GLN D 113 -15.36 25.95 31.47
CA GLN D 113 -14.06 26.68 31.41
CA GLN D 113 -14.07 26.65 31.30
C GLN D 113 -12.73 25.90 31.58
C GLN D 113 -12.91 25.83 31.73
N ASP D 114 -12.76 24.67 31.10
CA ASP D 114 -11.65 23.82 31.17
C ASP D 114 -10.80 23.98 29.89
N TYR D 115 -9.93 24.99 29.91
CA TYR D 115 -9.19 25.36 28.68
C TYR D 115 -8.12 24.32 28.35
N PRO D 116 -7.40 23.78 29.36
CA PRO D 116 -6.47 22.69 29.10
C PRO D 116 -7.12 21.52 28.35
N THR D 117 -8.24 21.11 28.84
CA THR D 117 -8.92 19.95 28.22
C THR D 117 -9.48 20.34 26.82
N PHE D 118 -10.07 21.55 26.71
CA PHE D 118 -10.45 22.06 25.37
C PHE D 118 -9.33 21.98 24.36
N ASN D 119 -8.15 22.46 24.76
CA ASN D 119 -6.99 22.48 23.91
C ASN D 119 -6.59 21.05 23.54
N PHE D 120 -6.54 20.16 24.54
CA PHE D 120 -6.12 18.79 24.35
C PHE D 120 -7.03 18.09 23.27
N LEU D 121 -8.33 18.39 23.39
CA LEU D 121 -9.35 17.80 22.55
C LEU D 121 -9.30 18.20 21.09
N GLN D 122 -8.64 19.30 20.79
CA GLN D 122 -8.55 19.78 19.44
C GLN D 122 -7.86 18.78 18.50
N TRP D 123 -6.87 18.06 18.99
CA TRP D 123 -6.26 16.94 18.27
C TRP D 123 -7.32 15.96 17.79
N TYR D 124 -8.29 15.65 18.63
CA TYR D 124 -9.39 14.73 18.28
C TYR D 124 -10.39 15.35 17.33
N VAL D 125 -10.70 16.64 17.50
CA VAL D 125 -11.60 17.35 16.57
C VAL D 125 -11.01 17.25 15.15
N SER D 126 -9.77 17.60 14.99
CA SER D 126 -9.15 17.51 13.73
C SER D 126 -8.93 16.07 13.24
N GLU D 127 -8.54 15.12 14.12
CA GLU D 127 -8.52 13.72 13.72
C GLU D 127 -9.85 13.18 13.22
N GLN D 128 -10.94 13.53 13.89
CA GLN D 128 -12.25 12.97 13.54
C GLN D 128 -12.73 13.54 12.17
N HIS D 129 -12.33 14.75 11.83
CA HIS D 129 -12.54 15.23 10.44
C HIS D 129 -11.85 14.34 9.37
N GLU D 130 -10.60 14.03 9.59
CA GLU D 130 -9.76 13.17 8.72
C GLU D 130 -10.33 11.75 8.67
N GLU D 131 -10.78 11.22 9.81
CA GLU D 131 -11.43 9.89 9.86
C GLU D 131 -12.64 9.83 9.05
N GLU D 132 -13.50 10.85 9.13
CA GLU D 132 -14.76 10.81 8.40
C GLU D 132 -14.50 10.84 6.89
N LYS D 133 -13.59 11.72 6.54
N LYS D 133 -13.53 11.62 6.47
CA LYS D 133 -13.13 11.88 5.16
CA LYS D 133 -13.26 11.73 5.02
C LYS D 133 -12.78 10.45 4.64
C LYS D 133 -12.62 10.42 4.49
N LEU D 134 -11.84 9.80 5.35
CA LEU D 134 -11.21 8.48 5.01
C LEU D 134 -12.25 7.40 4.86
N PHE D 135 -13.13 7.22 5.86
CA PHE D 135 -14.14 6.16 5.78
C PHE D 135 -15.25 6.44 4.80
N LYS D 136 -15.65 7.72 4.65
CA LYS D 136 -16.55 8.16 3.54
C LYS D 136 -15.96 7.78 2.17
N SER D 137 -14.68 8.05 1.98
CA SER D 137 -14.00 7.68 0.74
C SER D 137 -14.16 6.20 0.36
N ILE D 138 -14.15 5.30 1.36
CA ILE D 138 -14.19 3.89 1.09
C ILE D 138 -15.60 3.55 0.69
N ILE D 139 -16.57 4.02 1.45
N ILE D 139 -16.59 4.03 1.45
CA ILE D 139 -17.95 3.79 1.06
CA ILE D 139 -17.97 3.72 1.06
C ILE D 139 -18.14 4.27 -0.41
C ILE D 139 -18.36 4.36 -0.30
N ASP D 140 -17.73 5.48 -0.66
CA ASP D 140 -17.86 6.08 -1.97
C ASP D 140 -17.25 5.22 -3.06
N LYS D 141 -16.03 4.70 -2.86
CA LYS D 141 -15.45 3.76 -3.84
C LYS D 141 -16.29 2.50 -4.05
N LEU D 142 -16.76 1.92 -2.96
CA LEU D 142 -17.65 0.78 -3.03
C LEU D 142 -18.99 1.07 -3.79
N SER D 143 -19.59 2.23 -3.58
CA SER D 143 -20.88 2.52 -4.29
C SER D 143 -20.68 2.68 -5.82
N LEU D 144 -19.56 3.25 -6.17
CA LEU D 144 -19.20 3.46 -7.53
C LEU D 144 -18.89 2.14 -8.24
N ALA D 145 -17.94 1.38 -7.67
CA ALA D 145 -17.33 0.22 -8.39
C ALA D 145 -17.62 -1.14 -7.75
N GLY D 146 -18.26 -1.13 -6.59
CA GLY D 146 -18.32 -2.33 -5.77
C GLY D 146 -19.46 -3.25 -6.06
N LYS D 147 -20.21 -3.02 -7.15
CA LYS D 147 -21.33 -3.89 -7.52
C LYS D 147 -20.97 -5.11 -8.38
N SER D 148 -19.68 -5.42 -8.58
CA SER D 148 -19.28 -6.64 -9.25
C SER D 148 -18.05 -7.20 -8.54
N GLY D 149 -17.82 -8.50 -8.72
CA GLY D 149 -16.63 -9.15 -8.21
C GLY D 149 -15.37 -8.44 -8.66
N GLU D 150 -15.33 -8.00 -9.92
CA GLU D 150 -14.14 -7.37 -10.45
C GLU D 150 -13.91 -6.06 -9.70
N GLY D 151 -14.99 -5.35 -9.41
CA GLY D 151 -14.89 -4.04 -8.75
C GLY D 151 -14.39 -4.22 -7.31
N LEU D 152 -14.90 -5.23 -6.61
CA LEU D 152 -14.48 -5.52 -5.26
C LEU D 152 -13.05 -5.94 -5.26
N TYR D 153 -12.69 -6.78 -6.25
CA TYR D 153 -11.29 -7.11 -6.44
C TYR D 153 -10.41 -5.85 -6.43
N PHE D 154 -10.71 -4.88 -7.28
CA PHE D 154 -9.89 -3.67 -7.35
C PHE D 154 -9.95 -2.78 -6.12
N ILE D 155 -11.11 -2.68 -5.53
N ILE D 155 -11.14 -2.67 -5.53
CA ILE D 155 -11.21 -1.86 -4.32
CA ILE D 155 -11.32 -1.90 -4.29
C ILE D 155 -10.43 -2.53 -3.19
C ILE D 155 -10.53 -2.54 -3.14
N ASP D 156 -10.61 -3.87 -3.04
CA ASP D 156 -9.82 -4.63 -2.08
C ASP D 156 -8.33 -4.34 -2.25
N LYS D 157 -7.84 -4.27 -3.51
CA LYS D 157 -6.45 -4.07 -3.75
C LYS D 157 -6.06 -2.71 -3.35
N GLU D 158 -6.96 -1.72 -3.54
CA GLU D 158 -6.66 -0.34 -3.18
C GLU D 158 -6.56 -0.26 -1.63
N LEU D 159 -7.51 -0.87 -0.99
CA LEU D 159 -7.57 -0.97 0.50
C LEU D 159 -6.26 -1.58 1.06
N SER D 160 -5.61 -2.53 0.36
CA SER D 160 -4.39 -3.11 0.88
C SER D 160 -3.29 -2.15 1.18
N THR D 161 -3.22 -1.04 0.47
CA THR D 161 -2.20 -0.04 0.69
C THR D 161 -2.72 1.37 1.03
N LEU D 162 -4.04 1.48 1.23
CA LEU D 162 -4.62 2.75 1.50
C LEU D 162 -4.19 3.33 2.81
N ASP D 163 -3.93 4.65 2.77
CA ASP D 163 -3.59 5.46 3.94
C ASP D 163 -2.24 5.00 4.49
N THR D 164 -1.30 4.71 3.57
CA THR D 164 0.02 4.01 3.66
C THR D 164 -0.01 2.80 4.54
N HIS E 2 -23.76 16.78 9.95
CA HIS E 2 -23.74 17.86 8.91
C HIS E 2 -23.60 19.29 9.52
N LEU E 3 -23.00 20.20 8.77
CA LEU E 3 -23.02 21.62 9.13
C LEU E 3 -24.43 22.24 9.10
N LYS E 4 -24.69 23.22 9.95
CA LYS E 4 -25.94 23.98 9.91
C LYS E 4 -25.98 24.89 8.65
N PRO E 5 -27.19 25.17 8.15
CA PRO E 5 -27.26 26.07 7.00
C PRO E 5 -26.57 27.42 7.18
N GLU E 6 -26.65 28.00 8.37
CA GLU E 6 -26.03 29.27 8.63
C GLU E 6 -24.51 29.18 8.44
N MET E 7 -23.95 28.08 8.84
CA MET E 7 -22.48 27.88 8.81
C MET E 7 -22.05 27.66 7.36
N ILE E 8 -22.81 26.85 6.64
CA ILE E 8 -22.51 26.55 5.19
C ILE E 8 -22.47 27.89 4.49
N GLU E 9 -23.51 28.71 4.72
CA GLU E 9 -23.66 29.97 4.00
C GLU E 9 -22.45 30.92 4.32
N LYS E 10 -22.13 31.08 5.58
CA LYS E 10 -21.01 31.91 5.98
C LYS E 10 -19.65 31.39 5.46
N LEU E 11 -19.43 30.08 5.47
CA LEU E 11 -18.18 29.50 4.99
C LEU E 11 -18.11 29.83 3.48
N ASN E 12 -19.22 29.63 2.80
CA ASN E 12 -19.25 29.86 1.35
C ASN E 12 -19.03 31.34 0.98
N GLU E 13 -19.58 32.26 1.78
CA GLU E 13 -19.38 33.69 1.61
C GLU E 13 -17.91 33.96 1.85
N GLN E 14 -17.33 33.39 2.88
CA GLN E 14 -15.85 33.58 3.11
C GLN E 14 -14.98 33.09 1.96
N MET E 15 -15.22 31.91 1.46
N MET E 15 -15.31 31.92 1.42
CA MET E 15 -14.53 31.44 0.23
CA MET E 15 -14.62 31.36 0.23
C MET E 15 -14.60 32.53 -0.84
C MET E 15 -14.65 32.35 -0.95
N ASN E 16 -15.80 33.02 -1.14
CA ASN E 16 -15.90 34.08 -2.19
C ASN E 16 -15.15 35.36 -1.80
N LEU E 17 -15.14 35.74 -0.51
CA LEU E 17 -14.33 36.89 -0.09
C LEU E 17 -12.81 36.68 -0.30
N GLU E 18 -12.34 35.47 -0.02
CA GLU E 18 -10.91 35.14 -0.23
C GLU E 18 -10.59 35.19 -1.77
N LEU E 19 -11.53 34.74 -2.58
CA LEU E 19 -11.39 34.88 -4.09
C LEU E 19 -11.38 36.35 -4.46
N TYR E 20 -12.30 37.20 -3.96
CA TYR E 20 -12.31 38.62 -4.23
C TYR E 20 -10.99 39.26 -3.80
N ALA E 21 -10.49 38.91 -2.61
CA ALA E 21 -9.13 39.30 -2.18
C ALA E 21 -8.00 39.01 -3.20
N SER E 22 -7.93 37.81 -3.73
CA SER E 22 -7.00 37.45 -4.82
C SER E 22 -7.11 38.44 -5.98
N LEU E 23 -8.29 38.54 -6.50
CA LEU E 23 -8.55 39.46 -7.64
C LEU E 23 -8.31 40.93 -7.37
N LEU E 24 -8.65 41.41 -6.15
CA LEU E 24 -8.31 42.68 -5.73
C LEU E 24 -6.82 42.95 -5.76
N TYR E 25 -6.03 42.07 -5.13
CA TYR E 25 -4.57 42.28 -5.09
C TYR E 25 -4.01 42.21 -6.55
N GLN E 26 -4.53 41.27 -7.27
CA GLN E 26 -4.20 41.22 -8.77
C GLN E 26 -4.45 42.52 -9.48
N GLN E 27 -5.61 43.11 -9.29
CA GLN E 27 -5.99 44.33 -9.92
C GLN E 27 -5.11 45.50 -9.40
N MET E 28 -4.88 45.53 -8.08
CA MET E 28 -3.93 46.51 -7.49
C MET E 28 -2.49 46.38 -8.10
N SER E 29 -2.04 45.18 -8.36
N SER E 29 -2.03 45.15 -8.35
CA SER E 29 -0.71 44.99 -8.97
CA SER E 29 -0.72 44.87 -8.99
C SER E 29 -0.71 45.69 -10.35
C SER E 29 -0.68 45.56 -10.37
N ALA E 30 -1.82 45.68 -11.03
CA ALA E 30 -1.87 46.32 -12.35
C ALA E 30 -1.69 47.81 -12.19
N TRP E 31 -2.42 48.43 -11.24
CA TRP E 31 -2.26 49.79 -10.91
C TRP E 31 -0.80 50.13 -10.62
N CYS E 32 -0.14 49.37 -9.76
CA CYS E 32 1.26 49.56 -9.45
C CYS E 32 2.21 49.53 -10.68
N SER E 33 2.09 48.51 -11.50
N SER E 33 2.02 48.51 -11.51
CA SER E 33 2.96 48.45 -12.71
CA SER E 33 2.87 48.34 -12.70
C SER E 33 2.68 49.63 -13.58
C SER E 33 2.62 49.44 -13.72
N TYR E 34 1.38 49.94 -13.80
CA TYR E 34 1.00 51.06 -14.68
C TYR E 34 1.57 52.38 -14.14
N HIS E 35 1.73 52.50 -12.85
CA HIS E 35 2.32 53.65 -12.19
C HIS E 35 3.78 53.53 -11.86
N THR E 36 4.43 52.53 -12.42
CA THR E 36 5.90 52.33 -12.32
C THR E 36 6.42 51.66 -11.06
N PHE E 37 5.54 51.20 -10.16
CA PHE E 37 5.94 50.51 -8.97
C PHE E 37 6.01 49.01 -9.22
N GLU E 38 7.00 48.54 -9.96
CA GLU E 38 7.10 47.15 -10.32
C GLU E 38 7.33 46.24 -9.14
N GLY E 39 8.02 46.74 -8.12
CA GLY E 39 8.23 45.97 -6.94
C GLY E 39 6.92 45.73 -6.07
N ALA E 40 6.18 46.78 -5.85
CA ALA E 40 4.81 46.72 -5.27
C ALA E 40 3.98 45.79 -6.09
N ALA E 41 4.06 45.94 -7.41
CA ALA E 41 3.40 44.94 -8.27
C ALA E 41 3.71 43.51 -8.06
N ALA E 42 4.99 43.18 -7.87
CA ALA E 42 5.43 41.84 -7.72
C ALA E 42 4.88 41.27 -6.41
N PHE E 43 4.93 42.10 -5.39
CA PHE E 43 4.46 41.68 -4.04
C PHE E 43 2.97 41.34 -4.10
N LEU E 44 2.21 42.28 -4.67
CA LEU E 44 0.75 42.08 -4.88
C LEU E 44 0.41 40.88 -5.71
N ARG E 45 1.16 40.56 -6.79
CA ARG E 45 0.94 39.34 -7.54
C ARG E 45 1.16 38.09 -6.75
N ARG E 46 2.25 38.05 -5.98
CA ARG E 46 2.55 36.93 -5.11
C ARG E 46 1.39 36.74 -4.09
N HIS E 47 1.00 37.86 -3.48
CA HIS E 47 -0.04 37.87 -2.44
C HIS E 47 -1.41 37.39 -2.99
N ALA E 48 -1.67 37.76 -4.23
CA ALA E 48 -2.83 37.25 -4.92
C ALA E 48 -2.86 35.77 -5.01
N GLN E 49 -1.73 35.10 -5.30
CA GLN E 49 -1.68 33.66 -5.40
C GLN E 49 -1.91 33.01 -4.05
N GLU E 50 -1.39 33.70 -3.05
CA GLU E 50 -1.60 33.27 -1.64
C GLU E 50 -3.09 33.31 -1.26
N GLU E 51 -3.78 34.41 -1.57
CA GLU E 51 -5.27 34.47 -1.37
C GLU E 51 -5.99 33.34 -2.05
N MET E 52 -5.56 32.88 -3.25
CA MET E 52 -6.19 31.73 -3.86
C MET E 52 -6.07 30.52 -3.03
N THR E 53 -4.91 30.31 -2.32
CA THR E 53 -4.81 29.14 -1.51
C THR E 53 -5.76 29.28 -0.24
N HIS E 54 -5.99 30.52 0.20
CA HIS E 54 -7.03 30.71 1.28
C HIS E 54 -8.43 30.34 0.83
N MET E 55 -8.69 30.61 -0.45
N MET E 55 -8.77 30.79 -0.39
CA MET E 55 -9.98 30.21 -1.07
CA MET E 55 -10.07 30.41 -1.02
C MET E 55 -10.06 28.68 -1.09
C MET E 55 -10.12 28.90 -1.16
N GLN E 56 -9.03 28.00 -1.63
N GLN E 56 -8.99 28.31 -1.55
CA GLN E 56 -9.10 26.53 -1.78
CA GLN E 56 -8.90 26.85 -1.79
C GLN E 56 -9.28 25.83 -0.47
C GLN E 56 -9.20 25.96 -0.56
N ARG E 57 -8.67 26.40 0.57
CA ARG E 57 -8.79 25.73 1.90
C ARG E 57 -10.22 25.75 2.36
N LEU E 58 -10.96 26.84 2.05
CA LEU E 58 -12.45 26.82 2.42
C LEU E 58 -13.21 25.93 1.49
N PHE E 59 -12.90 26.05 0.19
CA PHE E 59 -13.48 25.14 -0.83
C PHE E 59 -13.34 23.69 -0.47
N ASP E 60 -12.18 23.25 -0.03
CA ASP E 60 -11.94 21.92 0.39
C ASP E 60 -12.69 21.47 1.65
N TYR E 61 -12.80 22.37 2.62
CA TYR E 61 -13.60 22.14 3.84
C TYR E 61 -15.05 21.88 3.53
N LEU E 62 -15.58 22.70 2.65
CA LEU E 62 -16.96 22.59 2.14
C LEU E 62 -17.17 21.24 1.35
N THR E 63 -16.31 20.91 0.42
CA THR E 63 -16.43 19.60 -0.30
C THR E 63 -16.22 18.40 0.67
N ASP E 64 -15.23 18.47 1.54
CA ASP E 64 -14.98 17.43 2.58
C ASP E 64 -16.20 17.22 3.47
N THR E 65 -16.95 18.24 3.80
CA THR E 65 -18.09 18.05 4.68
C THR E 65 -19.39 17.68 3.93
N GLY E 66 -19.30 17.38 2.63
CA GLY E 66 -20.45 16.94 1.86
C GLY E 66 -21.25 18.06 1.24
N ASN E 67 -20.66 19.26 1.10
CA ASN E 67 -21.40 20.41 0.65
C ASN E 67 -20.79 20.78 -0.74
N LEU E 68 -21.48 21.61 -1.46
CA LEU E 68 -21.02 21.95 -2.77
C LEU E 68 -20.68 23.43 -2.68
N PRO E 69 -19.39 23.76 -2.65
CA PRO E 69 -19.09 25.21 -2.66
C PRO E 69 -19.56 25.89 -3.97
N ARG E 70 -19.94 27.15 -3.87
N ARG E 70 -20.04 27.13 -3.88
CA ARG E 70 -20.47 27.93 -4.98
CA ARG E 70 -20.41 27.88 -5.06
C ARG E 70 -19.71 29.21 -5.15
C ARG E 70 -19.71 29.20 -5.17
N ILE E 71 -19.04 29.37 -6.31
CA ILE E 71 -18.35 30.63 -6.71
C ILE E 71 -19.44 31.51 -7.27
N ASN E 72 -19.67 32.59 -6.59
CA ASN E 72 -20.74 33.54 -6.95
C ASN E 72 -20.17 34.58 -7.93
N THR E 73 -21.03 35.41 -8.53
CA THR E 73 -20.57 36.57 -9.27
C THR E 73 -19.49 37.29 -8.46
N VAL E 74 -18.44 37.65 -9.14
CA VAL E 74 -17.37 38.52 -8.50
C VAL E 74 -17.53 39.95 -8.99
N GLU E 75 -17.69 40.92 -8.10
N GLU E 75 -17.68 40.89 -8.09
CA GLU E 75 -17.70 42.34 -8.48
CA GLU E 75 -17.66 42.30 -8.41
C GLU E 75 -16.32 42.73 -9.00
C GLU E 75 -16.31 42.71 -9.01
N SER E 76 -16.29 43.53 -10.08
CA SER E 76 -15.00 44.04 -10.54
C SER E 76 -14.21 44.72 -9.40
N PRO E 77 -12.93 44.35 -9.18
CA PRO E 77 -12.05 45.03 -8.22
C PRO E 77 -11.47 46.33 -8.76
N PHE E 78 -11.71 46.68 -10.00
N PHE E 78 -11.90 46.73 -9.96
CA PHE E 78 -11.07 47.83 -10.57
CA PHE E 78 -11.51 48.00 -10.55
C PHE E 78 -11.52 49.11 -9.79
C PHE E 78 -11.61 49.17 -9.57
N ALA E 79 -10.52 49.93 -9.45
CA ALA E 79 -10.57 51.19 -8.72
C ALA E 79 -9.37 52.11 -9.14
N GLU E 80 -9.62 53.38 -8.88
CA GLU E 80 -8.61 54.42 -8.96
C GLU E 80 -8.04 54.61 -7.53
N TYR E 81 -6.75 54.85 -7.44
CA TYR E 81 -6.03 55.19 -6.24
C TYR E 81 -5.26 56.49 -6.53
N SER E 82 -5.11 57.34 -5.54
CA SER E 82 -4.46 58.61 -5.72
C SER E 82 -2.99 58.51 -5.45
N SER E 83 -2.52 57.44 -4.86
CA SER E 83 -1.11 57.29 -4.52
C SER E 83 -0.84 55.84 -4.13
N LEU E 84 0.42 55.43 -4.10
CA LEU E 84 0.72 54.09 -3.64
C LEU E 84 0.35 53.94 -2.16
N ASP E 85 0.52 55.02 -1.39
N ASP E 85 0.51 55.04 -1.38
CA ASP E 85 0.07 54.99 0.01
CA ASP E 85 0.00 55.12 -0.01
C ASP E 85 -1.44 54.72 0.19
C ASP E 85 -1.42 54.65 0.10
N GLU E 86 -2.27 55.38 -0.61
CA GLU E 86 -3.68 55.17 -0.59
C GLU E 86 -4.05 53.72 -0.96
N LEU E 87 -3.37 53.17 -1.99
CA LEU E 87 -3.57 51.79 -2.35
C LEU E 87 -3.28 50.83 -1.19
N PHE E 88 -2.16 51.03 -0.50
CA PHE E 88 -1.84 50.11 0.62
C PHE E 88 -2.70 50.37 1.85
N GLN E 89 -3.23 51.57 2.00
CA GLN E 89 -4.25 51.82 3.07
C GLN E 89 -5.46 50.94 2.81
N GLU E 90 -5.90 50.91 1.55
CA GLU E 90 -7.01 50.00 1.10
C GLU E 90 -6.74 48.53 1.30
N THR E 91 -5.51 48.07 1.02
CA THR E 91 -5.17 46.71 1.27
C THR E 91 -5.36 46.37 2.73
N TYR E 92 -4.87 47.25 3.57
CA TYR E 92 -4.97 46.97 5.01
C TYR E 92 -6.38 46.97 5.52
N LYS E 93 -7.17 47.95 5.09
CA LYS E 93 -8.61 47.94 5.32
C LYS E 93 -9.28 46.65 4.86
N HIS E 94 -8.89 46.16 3.71
CA HIS E 94 -9.41 44.91 3.20
C HIS E 94 -9.10 43.76 4.15
N GLU E 95 -7.86 43.66 4.58
CA GLU E 95 -7.40 42.64 5.41
C GLU E 95 -8.13 42.77 6.76
N GLN E 96 -8.36 43.96 7.23
CA GLN E 96 -9.17 44.15 8.48
C GLN E 96 -10.59 43.60 8.36
N LEU E 97 -11.21 43.78 7.23
CA LEU E 97 -12.47 43.19 6.86
C LEU E 97 -12.44 41.67 6.91
N ILE E 98 -11.42 41.05 6.25
CA ILE E 98 -11.31 39.63 6.21
C ILE E 98 -11.17 39.15 7.66
N THR E 99 -10.35 39.84 8.44
CA THR E 99 -10.19 39.48 9.86
C THR E 99 -11.54 39.45 10.62
N GLN E 100 -12.38 40.47 10.44
N GLN E 100 -12.33 40.49 10.39
CA GLN E 100 -13.64 40.56 11.21
CA GLN E 100 -13.63 40.68 11.02
C GLN E 100 -14.67 39.53 10.68
C GLN E 100 -14.58 39.54 10.68
N LYS E 101 -14.63 39.19 9.39
CA LYS E 101 -15.41 38.10 8.86
C LYS E 101 -15.03 36.78 9.49
N ILE E 102 -13.73 36.52 9.64
CA ILE E 102 -13.29 35.31 10.19
C ILE E 102 -13.71 35.28 11.64
N ASN E 103 -13.55 36.36 12.39
CA ASN E 103 -14.02 36.41 13.77
C ASN E 103 -15.50 36.16 13.96
N GLU E 104 -16.27 36.73 13.10
CA GLU E 104 -17.70 36.47 13.05
C GLU E 104 -18.04 35.05 12.77
N LEU E 105 -17.29 34.43 11.86
CA LEU E 105 -17.42 33.00 11.60
C LEU E 105 -17.05 32.16 12.83
N ALA E 106 -15.98 32.50 13.58
CA ALA E 106 -15.60 31.76 14.75
C ALA E 106 -16.68 31.91 15.80
N HIS E 107 -17.25 33.12 15.93
CA HIS E 107 -18.35 33.37 16.91
C HIS E 107 -19.58 32.49 16.58
N ALA E 108 -19.97 32.51 15.32
CA ALA E 108 -21.03 31.64 14.83
C ALA E 108 -20.76 30.19 15.12
N ALA E 109 -19.52 29.65 14.88
CA ALA E 109 -19.23 28.26 15.13
C ALA E 109 -19.44 27.98 16.62
N MET E 110 -18.99 28.89 17.47
N MET E 110 -18.96 28.89 17.48
CA MET E 110 -19.12 28.70 18.95
CA MET E 110 -19.17 28.78 18.98
C MET E 110 -20.59 28.75 19.42
C MET E 110 -20.64 28.66 19.31
N THR E 111 -21.40 29.66 18.86
CA THR E 111 -22.81 29.81 19.15
C THR E 111 -23.61 28.61 18.67
N ASN E 112 -23.25 28.09 17.50
CA ASN E 112 -23.88 26.91 17.01
C ASN E 112 -23.32 25.56 17.60
N GLN E 113 -22.34 25.65 18.51
CA GLN E 113 -21.63 24.45 18.96
C GLN E 113 -21.04 23.58 17.87
N ASP E 114 -20.41 24.21 16.85
CA ASP E 114 -19.76 23.57 15.78
C ASP E 114 -18.29 23.59 16.04
N TYR E 115 -17.85 22.58 16.79
CA TYR E 115 -16.42 22.46 17.17
C TYR E 115 -15.54 22.12 15.98
N PRO E 116 -15.95 21.21 15.09
CA PRO E 116 -15.16 21.04 13.90
C PRO E 116 -14.92 22.35 13.13
N THR E 117 -15.97 23.11 12.91
CA THR E 117 -15.70 24.36 12.15
C THR E 117 -14.89 25.35 12.95
N PHE E 118 -15.12 25.41 14.27
CA PHE E 118 -14.31 26.35 15.08
C PHE E 118 -12.83 26.01 14.92
N ASN E 119 -12.55 24.69 14.98
CA ASN E 119 -11.16 24.19 14.92
C ASN E 119 -10.59 24.54 13.51
N PHE E 120 -11.36 24.27 12.49
CA PHE E 120 -10.96 24.59 11.06
C PHE E 120 -10.61 26.06 10.91
N LEU E 121 -11.40 26.94 11.51
CA LEU E 121 -11.15 28.34 11.45
C LEU E 121 -9.92 28.91 12.08
N GLN E 122 -9.36 28.18 13.05
CA GLN E 122 -8.19 28.67 13.74
C GLN E 122 -7.05 28.91 12.80
N TRP E 123 -6.91 28.14 11.73
CA TRP E 123 -5.99 28.49 10.68
C TRP E 123 -6.11 29.91 10.10
N TYR E 124 -7.32 30.38 9.91
CA TYR E 124 -7.59 31.73 9.45
C TYR E 124 -7.38 32.75 10.51
N VAL E 125 -7.74 32.46 11.76
CA VAL E 125 -7.49 33.44 12.83
C VAL E 125 -5.99 33.67 12.93
N SER E 126 -5.13 32.66 12.94
CA SER E 126 -3.75 32.92 12.92
C SER E 126 -3.24 33.58 11.66
N GLU E 127 -3.65 33.06 10.51
CA GLU E 127 -3.30 33.71 9.21
C GLU E 127 -3.62 35.20 9.20
N GLN E 128 -4.78 35.63 9.71
CA GLN E 128 -5.17 37.04 9.73
C GLN E 128 -4.34 37.88 10.68
N HIS E 129 -3.92 37.34 11.83
CA HIS E 129 -2.86 38.04 12.60
C HIS E 129 -1.59 38.38 11.76
N GLU E 130 -1.03 37.40 11.07
CA GLU E 130 0.12 37.51 10.16
C GLU E 130 -0.18 38.50 9.05
N GLU E 131 -1.34 38.38 8.37
CA GLU E 131 -1.75 39.40 7.37
C GLU E 131 -1.72 40.85 7.82
N GLU E 132 -2.41 41.14 8.94
CA GLU E 132 -2.48 42.46 9.41
C GLU E 132 -1.08 42.97 9.74
N LYS E 133 -0.26 42.13 10.35
CA LYS E 133 1.14 42.52 10.67
C LYS E 133 1.89 42.91 9.37
N LEU E 134 1.76 42.07 8.37
CA LEU E 134 2.41 42.30 7.03
C LEU E 134 1.96 43.58 6.40
N PHE E 135 0.63 43.82 6.25
CA PHE E 135 0.16 44.97 5.50
C PHE E 135 0.32 46.25 6.31
N LYS E 136 0.22 46.18 7.65
CA LYS E 136 0.48 47.37 8.45
C LYS E 136 2.00 47.75 8.32
N SER E 137 2.87 46.78 8.23
CA SER E 137 4.29 47.05 8.16
C SER E 137 4.62 47.85 6.88
N ILE E 138 3.90 47.52 5.82
CA ILE E 138 4.06 48.25 4.53
C ILE E 138 3.62 49.74 4.62
N ILE E 139 2.39 49.94 5.15
N ILE E 139 2.44 49.98 5.19
CA ILE E 139 1.84 51.20 5.56
CA ILE E 139 1.99 51.30 5.37
C ILE E 139 2.91 52.03 6.30
C ILE E 139 2.87 52.10 6.34
N ASP E 140 3.46 51.41 7.34
CA ASP E 140 4.42 52.04 8.19
C ASP E 140 5.72 52.45 7.44
N LYS E 141 6.18 51.62 6.56
CA LYS E 141 7.33 51.92 5.71
C LYS E 141 7.01 53.10 4.84
N LEU E 142 5.81 53.18 4.27
CA LEU E 142 5.46 54.30 3.44
C LEU E 142 5.28 55.56 4.26
N SER E 143 4.76 55.49 5.50
CA SER E 143 4.54 56.71 6.32
C SER E 143 5.87 57.32 6.63
N LEU E 144 6.82 56.43 6.85
CA LEU E 144 8.12 56.84 7.30
C LEU E 144 8.89 57.52 6.14
N ALA E 145 9.06 56.74 5.05
CA ALA E 145 9.97 57.08 3.97
C ALA E 145 9.34 57.39 2.66
N GLY E 146 8.01 57.41 2.58
CA GLY E 146 7.32 57.39 1.28
C GLY E 146 6.98 58.75 0.74
N LYS E 147 7.46 59.79 1.39
CA LYS E 147 6.99 61.12 1.07
C LYS E 147 7.84 61.78 -0.08
N SER E 148 8.72 61.02 -0.69
CA SER E 148 9.58 61.52 -1.79
C SER E 148 9.61 60.44 -2.91
N GLY E 149 9.83 60.82 -4.17
CA GLY E 149 10.06 59.77 -5.18
C GLY E 149 11.18 58.81 -4.78
N GLU E 150 12.22 59.32 -4.11
CA GLU E 150 13.34 58.47 -3.76
C GLU E 150 12.93 57.47 -2.70
N GLY E 151 12.15 57.92 -1.74
CA GLY E 151 11.64 57.06 -0.64
C GLY E 151 10.73 55.96 -1.25
N LEU E 152 9.87 56.32 -2.18
CA LEU E 152 9.04 55.35 -2.92
C LEU E 152 9.90 54.39 -3.69
N TYR E 153 10.93 54.87 -4.38
CA TYR E 153 11.92 54.02 -5.02
C TYR E 153 12.45 52.87 -4.11
N PHE E 154 12.93 53.22 -2.94
CA PHE E 154 13.47 52.22 -2.03
C PHE E 154 12.41 51.26 -1.43
N ILE E 155 11.23 51.79 -1.12
N ILE E 155 11.25 51.83 -1.14
CA ILE E 155 10.17 50.89 -0.61
CA ILE E 155 10.11 51.04 -0.63
C ILE E 155 9.70 49.99 -1.74
C ILE E 155 9.69 50.04 -1.71
N ASP E 156 9.58 50.50 -2.97
CA ASP E 156 9.19 49.67 -4.09
C ASP E 156 10.22 48.55 -4.22
N LYS E 157 11.51 48.87 -4.04
CA LYS E 157 12.52 47.82 -4.14
C LYS E 157 12.41 46.79 -3.06
N GLU E 158 12.11 47.23 -1.83
CA GLU E 158 11.95 46.30 -0.74
C GLU E 158 10.78 45.36 -1.01
N LEU E 159 9.71 45.97 -1.51
CA LEU E 159 8.48 45.22 -1.82
C LEU E 159 8.76 44.19 -2.88
N SER E 160 9.74 44.46 -3.81
CA SER E 160 10.00 43.49 -4.86
C SER E 160 10.39 42.11 -4.29
N THR E 161 11.06 42.03 -3.14
CA THR E 161 11.42 40.75 -2.54
C THR E 161 10.78 40.52 -1.14
N LEU E 162 9.84 41.35 -0.73
CA LEU E 162 9.23 41.20 0.60
C LEU E 162 8.47 39.94 0.73
N ASP E 163 8.63 39.34 1.89
CA ASP E 163 7.85 38.16 2.30
C ASP E 163 8.06 37.04 1.29
N THR E 164 9.33 36.84 0.98
CA THR E 164 9.94 35.98 -0.04
C THR E 164 9.31 35.99 -1.43
N HIS F 1 2.52 -22.02 -42.36
CA HIS F 1 2.69 -20.98 -41.32
C HIS F 1 3.01 -21.54 -39.88
N HIS F 2 2.76 -22.84 -39.63
CA HIS F 2 3.05 -23.45 -38.30
C HIS F 2 4.09 -24.55 -38.45
N LEU F 3 4.72 -24.96 -37.38
CA LEU F 3 5.64 -26.16 -37.41
C LEU F 3 4.90 -27.41 -37.90
N LYS F 4 5.58 -28.28 -38.66
CA LYS F 4 5.05 -29.59 -38.91
C LYS F 4 4.93 -30.40 -37.63
N PRO F 5 3.97 -31.33 -37.58
CA PRO F 5 3.83 -32.22 -36.45
C PRO F 5 5.08 -33.06 -36.18
N GLU F 6 5.79 -33.48 -37.21
CA GLU F 6 7.04 -34.11 -37.03
C GLU F 6 8.01 -33.33 -36.17
N MET F 7 8.20 -32.06 -36.51
CA MET F 7 9.16 -31.18 -35.88
C MET F 7 8.67 -30.90 -34.42
N ILE F 8 7.39 -30.65 -34.25
CA ILE F 8 6.82 -30.39 -32.91
C ILE F 8 7.15 -31.56 -31.98
N GLU F 9 6.94 -32.77 -32.44
N GLU F 9 6.95 -32.77 -32.46
CA GLU F 9 7.16 -33.93 -31.60
CA GLU F 9 7.17 -33.93 -31.64
C GLU F 9 8.63 -34.22 -31.34
C GLU F 9 8.62 -34.18 -31.33
N LYS F 10 9.47 -33.99 -32.32
CA LYS F 10 10.90 -34.18 -32.11
C LYS F 10 11.42 -33.13 -31.15
N LEU F 11 10.86 -31.96 -31.24
CA LEU F 11 11.29 -30.94 -30.26
C LEU F 11 10.80 -31.34 -28.87
N ASN F 12 9.53 -31.77 -28.75
CA ASN F 12 8.98 -32.28 -27.48
C ASN F 12 9.82 -33.39 -26.87
N GLU F 13 10.22 -34.34 -27.69
CA GLU F 13 11.00 -35.46 -27.23
C GLU F 13 12.37 -35.00 -26.80
N GLN F 14 13.01 -34.09 -27.53
CA GLN F 14 14.27 -33.58 -27.03
C GLN F 14 14.13 -32.84 -25.62
N MET F 15 13.08 -32.09 -25.42
N MET F 15 13.03 -32.10 -25.46
CA MET F 15 12.80 -31.43 -24.13
CA MET F 15 12.68 -31.42 -24.20
C MET F 15 12.79 -32.52 -23.05
C MET F 15 12.64 -32.43 -23.05
N ASN F 16 12.07 -33.59 -23.30
CA ASN F 16 12.08 -34.70 -22.33
C ASN F 16 13.44 -35.30 -22.12
N LEU F 17 14.22 -35.51 -23.18
CA LEU F 17 15.61 -35.97 -23.07
C LEU F 17 16.47 -35.03 -22.22
N GLU F 18 16.31 -33.76 -22.38
CA GLU F 18 17.03 -32.77 -21.50
C GLU F 18 16.63 -32.93 -19.98
N LEU F 19 15.32 -33.08 -19.76
CA LEU F 19 14.77 -33.39 -18.42
C LEU F 19 15.38 -34.70 -17.87
N TYR F 20 15.43 -35.79 -18.67
CA TYR F 20 16.02 -36.97 -18.21
C TYR F 20 17.48 -36.72 -17.87
N ALA F 21 18.19 -35.98 -18.72
CA ALA F 21 19.60 -35.71 -18.43
C ALA F 21 19.77 -35.03 -17.04
N SER F 22 18.97 -34.04 -16.78
CA SER F 22 18.95 -33.36 -15.48
C SER F 22 18.81 -34.44 -14.36
N LEU F 23 17.81 -35.30 -14.44
CA LEU F 23 17.50 -36.27 -13.36
C LEU F 23 18.61 -37.30 -13.28
N LEU F 24 19.18 -37.66 -14.41
CA LEU F 24 20.36 -38.48 -14.42
C LEU F 24 21.55 -37.98 -13.67
N TYR F 25 21.91 -36.76 -13.96
CA TYR F 25 23.11 -36.14 -13.30
C TYR F 25 22.80 -35.94 -11.76
N GLN F 26 21.55 -35.57 -11.43
CA GLN F 26 21.11 -35.49 -10.05
C GLN F 26 21.27 -36.90 -9.35
N GLN F 27 20.75 -37.97 -9.94
CA GLN F 27 20.90 -39.29 -9.46
C GLN F 27 22.36 -39.73 -9.31
N MET F 28 23.16 -39.43 -10.34
CA MET F 28 24.62 -39.68 -10.26
C MET F 28 25.29 -38.93 -9.08
N SER F 29 24.81 -37.76 -8.77
CA SER F 29 25.35 -37.00 -7.60
C SER F 29 25.19 -37.80 -6.33
N ALA F 30 24.12 -38.58 -6.21
CA ALA F 30 23.91 -39.43 -5.03
C ALA F 30 24.94 -40.51 -4.90
N TRP F 31 25.28 -41.17 -5.99
CA TRP F 31 26.31 -42.14 -5.99
C TRP F 31 27.57 -41.53 -5.51
N CYS F 32 27.91 -40.37 -6.08
CA CYS F 32 29.19 -39.69 -5.77
C CYS F 32 29.20 -39.43 -4.24
N SER F 33 28.09 -38.88 -3.73
CA SER F 33 28.05 -38.48 -2.31
C SER F 33 28.18 -39.73 -1.47
N TYR F 34 27.49 -40.77 -1.86
CA TYR F 34 27.53 -42.03 -1.14
C TYR F 34 28.92 -42.64 -1.07
N HIS F 35 29.75 -42.37 -2.08
CA HIS F 35 31.07 -42.97 -2.27
C HIS F 35 32.16 -41.96 -1.93
N THR F 36 31.71 -40.88 -1.32
CA THR F 36 32.48 -39.82 -0.70
C THR F 36 33.15 -38.83 -1.62
N PHE F 37 32.68 -38.78 -2.85
CA PHE F 37 33.21 -37.87 -3.81
C PHE F 37 32.31 -36.64 -3.83
N GLU F 38 32.46 -35.80 -2.81
CA GLU F 38 31.64 -34.61 -2.64
C GLU F 38 31.80 -33.54 -3.70
N GLY F 39 33.03 -33.36 -4.22
CA GLY F 39 33.35 -32.51 -5.32
C GLY F 39 32.62 -32.93 -6.60
N ALA F 40 32.78 -34.21 -7.00
CA ALA F 40 32.01 -34.83 -8.10
C ALA F 40 30.49 -34.65 -7.91
N ALA F 41 30.01 -34.90 -6.69
CA ALA F 41 28.64 -34.62 -6.42
C ALA F 41 28.20 -33.20 -6.70
N ALA F 42 28.97 -32.16 -6.28
CA ALA F 42 28.56 -30.78 -6.42
C ALA F 42 28.52 -30.37 -7.90
N PHE F 43 29.53 -30.83 -8.62
CA PHE F 43 29.59 -30.59 -10.06
C PHE F 43 28.29 -31.16 -10.74
N LEU F 44 28.01 -32.41 -10.46
CA LEU F 44 26.80 -33.08 -11.02
C LEU F 44 25.53 -32.40 -10.62
N ARG F 45 25.30 -32.04 -9.34
CA ARG F 45 24.15 -31.21 -9.01
C ARG F 45 24.06 -29.88 -9.76
N ARG F 46 25.15 -29.13 -9.92
CA ARG F 46 25.16 -27.87 -10.70
C ARG F 46 24.83 -28.17 -12.20
N HIS F 47 25.39 -29.27 -12.69
CA HIS F 47 25.13 -29.67 -14.10
C HIS F 47 23.67 -30.12 -14.35
N ALA F 48 23.09 -30.80 -13.37
CA ALA F 48 21.67 -31.08 -13.39
C ALA F 48 20.84 -29.83 -13.54
N GLN F 49 21.11 -28.77 -12.76
CA GLN F 49 20.44 -27.54 -12.92
C GLN F 49 20.57 -26.94 -14.34
N GLU F 50 21.75 -27.06 -14.88
CA GLU F 50 22.01 -26.59 -16.24
C GLU F 50 21.11 -27.29 -17.26
N GLU F 51 20.99 -28.60 -17.12
CA GLU F 51 20.12 -29.35 -18.03
C GLU F 51 18.72 -28.90 -17.93
N MET F 52 18.23 -28.46 -16.73
CA MET F 52 16.87 -27.85 -16.71
C MET F 52 16.69 -26.65 -17.52
N THR F 53 17.76 -25.86 -17.64
CA THR F 53 17.67 -24.69 -18.46
C THR F 53 17.66 -25.12 -19.93
N HIS F 54 18.29 -26.25 -20.29
CA HIS F 54 18.19 -26.73 -21.68
C HIS F 54 16.79 -27.20 -22.00
N MET F 55 16.22 -27.91 -21.03
N MET F 55 16.20 -27.90 -21.03
CA MET F 55 14.81 -28.28 -21.09
CA MET F 55 14.79 -28.28 -21.10
C MET F 55 13.90 -27.08 -21.28
C MET F 55 13.88 -27.08 -21.27
N GLN F 56 14.04 -26.05 -20.42
CA GLN F 56 13.24 -24.85 -20.50
C GLN F 56 13.32 -24.09 -21.81
N ARG F 57 14.47 -24.03 -22.38
CA ARG F 57 14.60 -23.40 -23.73
C ARG F 57 13.78 -24.08 -24.81
N LEU F 58 13.73 -25.38 -24.76
CA LEU F 58 12.87 -26.15 -25.71
C LEU F 58 11.38 -25.90 -25.41
N PHE F 59 11.05 -25.94 -24.13
CA PHE F 59 9.69 -25.67 -23.65
C PHE F 59 9.23 -24.32 -24.14
N ASP F 60 10.12 -23.33 -24.04
CA ASP F 60 9.77 -22.00 -24.47
C ASP F 60 9.60 -21.85 -25.98
N TYR F 61 10.47 -22.50 -26.79
CA TYR F 61 10.30 -22.48 -28.25
C TYR F 61 8.97 -23.10 -28.64
N LEU F 62 8.60 -24.22 -27.97
CA LEU F 62 7.34 -24.86 -28.18
C LEU F 62 6.09 -23.90 -27.85
N THR F 63 6.11 -23.29 -26.68
CA THR F 63 5.02 -22.36 -26.33
C THR F 63 4.99 -21.11 -27.21
N ASP F 64 6.13 -20.57 -27.54
CA ASP F 64 6.25 -19.35 -28.40
C ASP F 64 5.69 -19.58 -29.76
N THR F 65 5.80 -20.82 -30.28
CA THR F 65 5.18 -21.21 -31.54
C THR F 65 3.77 -21.72 -31.51
N GLY F 66 3.11 -21.52 -30.39
CA GLY F 66 1.70 -21.87 -30.25
C GLY F 66 1.44 -23.33 -29.98
N ASN F 67 2.43 -24.07 -29.43
CA ASN F 67 2.27 -25.49 -29.20
C ASN F 67 2.20 -25.72 -27.67
N LEU F 68 1.85 -26.93 -27.28
CA LEU F 68 1.73 -27.36 -25.87
C LEU F 68 2.83 -28.42 -25.54
N PRO F 69 3.91 -28.00 -24.93
CA PRO F 69 4.87 -28.95 -24.41
C PRO F 69 4.21 -30.00 -23.50
N ARG F 70 4.68 -31.23 -23.63
CA ARG F 70 4.19 -32.38 -22.92
C ARG F 70 5.32 -33.06 -22.21
N ILE F 71 5.26 -33.10 -20.85
CA ILE F 71 6.26 -33.88 -20.06
C ILE F 71 5.71 -35.32 -20.00
N ASN F 72 6.44 -36.27 -20.50
CA ASN F 72 6.01 -37.64 -20.61
C ASN F 72 6.40 -38.37 -19.33
N THR F 73 6.07 -39.65 -19.25
CA THR F 73 6.59 -40.52 -18.13
C THR F 73 8.17 -40.47 -18.17
N VAL F 74 8.81 -40.45 -17.00
CA VAL F 74 10.28 -40.36 -16.97
C VAL F 74 10.82 -41.62 -16.38
N GLU F 75 11.67 -42.34 -17.11
CA GLU F 75 12.22 -43.56 -16.55
C GLU F 75 13.09 -43.21 -15.32
N SER F 76 13.13 -44.12 -14.35
CA SER F 76 14.09 -43.93 -13.23
C SER F 76 15.49 -43.84 -13.75
N PRO F 77 16.26 -42.81 -13.38
CA PRO F 77 17.64 -42.80 -13.81
C PRO F 77 18.61 -43.69 -12.97
N PHE F 78 18.10 -44.34 -11.95
CA PHE F 78 18.88 -45.19 -11.09
C PHE F 78 19.75 -46.20 -11.77
N ALA F 79 21.02 -46.18 -11.42
CA ALA F 79 21.97 -47.18 -11.94
C ALA F 79 23.04 -47.47 -10.87
N GLU F 80 23.67 -48.66 -10.96
CA GLU F 80 24.93 -49.00 -10.22
C GLU F 80 26.11 -48.51 -11.04
N TYR F 81 27.14 -47.99 -10.40
CA TYR F 81 28.41 -47.66 -11.08
C TYR F 81 29.55 -48.35 -10.27
N SER F 82 30.53 -48.91 -11.01
CA SER F 82 31.63 -49.68 -10.37
C SER F 82 32.76 -48.75 -9.91
N SER F 83 32.80 -47.52 -10.42
CA SER F 83 33.82 -46.49 -10.10
C SER F 83 33.40 -45.15 -10.55
N LEU F 84 34.08 -44.12 -10.03
CA LEU F 84 33.86 -42.80 -10.46
C LEU F 84 34.21 -42.63 -11.95
N ASP F 85 35.26 -43.31 -12.39
CA ASP F 85 35.59 -43.31 -13.79
C ASP F 85 34.45 -43.82 -14.71
N GLU F 86 33.85 -44.97 -14.35
CA GLU F 86 32.76 -45.55 -15.07
C GLU F 86 31.53 -44.62 -15.05
N LEU F 87 31.26 -44.00 -13.92
CA LEU F 87 30.26 -42.94 -13.90
C LEU F 87 30.50 -41.85 -14.91
N PHE F 88 31.71 -41.31 -14.99
CA PHE F 88 31.90 -40.23 -15.89
C PHE F 88 32.01 -40.71 -17.34
N GLN F 89 32.34 -41.97 -17.57
CA GLN F 89 32.24 -42.62 -18.93
C GLN F 89 30.80 -42.59 -19.37
N GLU F 90 29.91 -42.97 -18.43
CA GLU F 90 28.43 -42.90 -18.72
C GLU F 90 27.89 -41.48 -19.00
N THR F 91 28.33 -40.47 -18.25
CA THR F 91 28.04 -39.12 -18.57
C THR F 91 28.40 -38.69 -20.02
N TYR F 92 29.59 -39.01 -20.40
CA TYR F 92 30.08 -38.68 -21.73
C TYR F 92 29.24 -39.39 -22.81
N LYS F 93 28.95 -40.63 -22.62
CA LYS F 93 28.04 -41.38 -23.48
C LYS F 93 26.70 -40.77 -23.60
N HIS F 94 26.12 -40.40 -22.49
CA HIS F 94 24.86 -39.70 -22.50
C HIS F 94 24.94 -38.41 -23.30
N GLU F 95 25.99 -37.59 -23.09
CA GLU F 95 26.12 -36.32 -23.78
C GLU F 95 26.27 -36.59 -25.28
N GLN F 96 26.95 -37.66 -25.63
CA GLN F 96 27.07 -38.12 -27.07
C GLN F 96 25.69 -38.47 -27.72
N LEU F 97 24.82 -39.09 -26.96
CA LEU F 97 23.43 -39.34 -27.29
C LEU F 97 22.71 -38.05 -27.50
N ILE F 98 22.80 -37.08 -26.56
CA ILE F 98 22.14 -35.81 -26.76
C ILE F 98 22.62 -35.15 -28.04
N THR F 99 23.92 -35.16 -28.30
CA THR F 99 24.46 -34.54 -29.52
C THR F 99 23.92 -35.18 -30.76
N GLN F 100 23.81 -36.51 -30.74
N GLN F 100 23.78 -36.50 -30.80
CA GLN F 100 23.23 -37.28 -31.87
CA GLN F 100 23.24 -37.11 -32.03
C GLN F 100 21.82 -36.83 -32.14
C GLN F 100 21.74 -36.94 -32.17
N LYS F 101 21.00 -36.78 -31.08
CA LYS F 101 19.57 -36.45 -31.20
C LYS F 101 19.44 -35.00 -31.75
N ILE F 102 20.30 -34.04 -31.31
CA ILE F 102 20.24 -32.67 -31.80
C ILE F 102 20.61 -32.70 -33.28
N ASN F 103 21.68 -33.42 -33.65
CA ASN F 103 22.01 -33.53 -35.10
C ASN F 103 20.89 -34.12 -36.01
N GLU F 104 20.21 -35.12 -35.53
CA GLU F 104 19.03 -35.66 -36.15
C GLU F 104 17.91 -34.68 -36.27
N LEU F 105 17.73 -33.84 -35.23
CA LEU F 105 16.71 -32.83 -35.24
C LEU F 105 17.04 -31.76 -36.25
N ALA F 106 18.33 -31.38 -36.28
CA ALA F 106 18.81 -30.39 -37.32
C ALA F 106 18.63 -30.92 -38.76
N HIS F 107 18.83 -32.24 -38.93
CA HIS F 107 18.73 -32.89 -40.25
C HIS F 107 17.27 -32.90 -40.66
N ALA F 108 16.41 -33.21 -39.70
CA ALA F 108 14.93 -33.16 -39.99
C ALA F 108 14.47 -31.78 -40.37
N ALA F 109 14.96 -30.75 -39.59
CA ALA F 109 14.64 -29.39 -39.84
C ALA F 109 15.04 -29.00 -41.26
N MET F 110 16.27 -29.27 -41.67
N MET F 110 16.28 -29.29 -41.66
CA MET F 110 16.72 -28.90 -43.03
CA MET F 110 16.77 -28.95 -43.00
C MET F 110 15.90 -29.66 -44.08
C MET F 110 15.92 -29.65 -44.06
N THR F 111 15.70 -30.95 -43.83
CA THR F 111 14.96 -31.80 -44.81
C THR F 111 13.50 -31.29 -44.99
N ASN F 112 12.85 -30.84 -43.93
CA ASN F 112 11.52 -30.28 -43.91
C ASN F 112 11.45 -28.79 -44.32
N GLN F 113 12.62 -28.18 -44.66
CA GLN F 113 12.69 -26.78 -44.96
C GLN F 113 12.14 -25.94 -43.83
N ASP F 114 12.38 -26.33 -42.57
CA ASP F 114 12.02 -25.61 -41.42
C ASP F 114 13.22 -24.76 -40.95
N TYR F 115 13.34 -23.58 -41.53
CA TYR F 115 14.49 -22.74 -41.26
C TYR F 115 14.36 -22.15 -39.81
N PRO F 116 13.17 -21.78 -39.35
CA PRO F 116 13.07 -21.28 -37.93
C PRO F 116 13.58 -22.31 -36.96
N THR F 117 13.15 -23.57 -37.11
CA THR F 117 13.61 -24.56 -36.17
C THR F 117 15.13 -24.89 -36.37
N PHE F 118 15.64 -24.95 -37.60
CA PHE F 118 17.08 -25.12 -37.81
C PHE F 118 17.86 -24.01 -37.03
N ASN F 119 17.40 -22.78 -37.14
CA ASN F 119 18.07 -21.61 -36.54
C ASN F 119 18.02 -21.81 -34.99
N PHE F 120 16.82 -22.07 -34.47
CA PHE F 120 16.68 -22.36 -33.01
C PHE F 120 17.68 -23.45 -32.50
N LEU F 121 17.85 -24.50 -33.29
CA LEU F 121 18.70 -25.59 -32.97
C LEU F 121 20.18 -25.26 -32.84
N GLN F 122 20.62 -24.20 -33.49
CA GLN F 122 22.00 -23.88 -33.50
C GLN F 122 22.54 -23.63 -32.13
N TRP F 123 21.69 -23.16 -31.24
CA TRP F 123 22.08 -23.02 -29.86
C TRP F 123 22.55 -24.32 -29.26
N TYR F 124 21.78 -25.35 -29.51
CA TYR F 124 22.08 -26.72 -29.07
C TYR F 124 23.25 -27.35 -29.75
N VAL F 125 23.48 -27.04 -31.03
CA VAL F 125 24.59 -27.61 -31.72
C VAL F 125 25.87 -27.09 -31.03
N SER F 126 25.90 -25.84 -30.87
CA SER F 126 27.00 -25.19 -30.14
C SER F 126 27.16 -25.66 -28.69
N GLU F 127 26.06 -25.62 -27.92
CA GLU F 127 26.08 -26.17 -26.55
C GLU F 127 26.66 -27.60 -26.46
N HIS F 129 28.67 -29.18 -28.49
CA HIS F 129 30.18 -29.17 -28.68
C HIS F 129 30.90 -28.83 -27.31
N GLU F 130 30.39 -27.82 -26.62
CA GLU F 130 30.94 -27.40 -25.29
C GLU F 130 30.75 -28.50 -24.21
N GLU F 131 29.61 -29.18 -24.27
CA GLU F 131 29.30 -30.30 -23.31
C GLU F 131 30.22 -31.45 -23.51
N GLU F 132 30.45 -31.85 -24.76
N GLU F 132 30.44 -31.83 -24.77
CA GLU F 132 31.37 -32.94 -24.98
CA GLU F 132 31.36 -32.92 -25.04
C GLU F 132 32.77 -32.54 -24.53
C GLU F 132 32.77 -32.56 -24.61
N LYS F 133 33.16 -31.33 -24.82
CA LYS F 133 34.53 -30.88 -24.36
C LYS F 133 34.66 -30.99 -22.82
N LEU F 134 33.64 -30.55 -22.13
CA LEU F 134 33.61 -30.51 -20.66
C LEU F 134 33.72 -31.90 -20.13
N PHE F 135 32.83 -32.80 -20.54
CA PHE F 135 32.84 -34.15 -19.96
C PHE F 135 33.99 -35.02 -20.39
N LYS F 136 34.50 -34.81 -21.63
CA LYS F 136 35.70 -35.48 -22.07
C LYS F 136 36.93 -35.00 -21.20
N SER F 137 36.96 -33.72 -20.85
CA SER F 137 37.99 -33.19 -19.98
C SER F 137 38.05 -33.94 -18.64
N ILE F 138 36.88 -34.30 -18.09
CA ILE F 138 36.78 -35.02 -16.79
C ILE F 138 37.29 -36.40 -16.94
N ILE F 139 36.86 -37.18 -17.98
CA ILE F 139 37.42 -38.49 -18.24
C ILE F 139 38.95 -38.44 -18.42
N ASP F 140 39.41 -37.43 -19.12
CA ASP F 140 40.84 -37.32 -19.32
C ASP F 140 41.68 -37.09 -17.98
N LYS F 141 41.16 -36.23 -17.11
CA LYS F 141 41.72 -35.99 -15.76
C LYS F 141 41.75 -37.29 -15.00
N LEU F 142 40.64 -38.03 -15.02
CA LEU F 142 40.61 -39.33 -14.34
C LEU F 142 41.56 -40.35 -14.93
N SER F 143 41.71 -40.38 -16.25
CA SER F 143 42.59 -41.44 -16.86
C SER F 143 44.05 -41.10 -16.51
N LEU F 144 44.34 -39.80 -16.38
CA LEU F 144 45.71 -39.37 -16.01
C LEU F 144 46.07 -39.63 -14.54
N ALA F 145 45.29 -39.01 -13.66
CA ALA F 145 45.55 -39.00 -12.23
C ALA F 145 44.65 -39.93 -11.39
N GLY F 146 43.69 -40.65 -11.99
CA GLY F 146 42.58 -41.17 -11.18
C GLY F 146 42.84 -42.56 -10.65
N LYS F 147 44.06 -43.07 -10.85
CA LYS F 147 44.29 -44.50 -10.53
C LYS F 147 44.74 -44.74 -9.09
N SER F 148 44.81 -43.68 -8.29
CA SER F 148 45.07 -43.80 -6.88
C SER F 148 44.02 -43.02 -6.04
N GLY F 149 43.95 -43.31 -4.74
CA GLY F 149 42.99 -42.62 -3.90
C GLY F 149 43.41 -41.17 -3.78
N GLU F 150 44.71 -40.91 -3.72
CA GLU F 150 45.22 -39.52 -3.78
C GLU F 150 44.86 -38.72 -5.06
N GLY F 151 45.04 -39.35 -6.20
CA GLY F 151 44.64 -38.77 -7.46
C GLY F 151 43.15 -38.45 -7.47
N LEU F 152 42.29 -39.38 -7.03
CA LEU F 152 40.88 -39.17 -6.92
C LEU F 152 40.54 -38.06 -6.00
N TYR F 153 41.20 -37.98 -4.84
CA TYR F 153 41.07 -36.83 -3.90
C TYR F 153 41.27 -35.47 -4.61
N PHE F 154 42.35 -35.35 -5.37
CA PHE F 154 42.60 -34.11 -6.12
C PHE F 154 41.62 -33.77 -7.25
N ILE F 155 41.19 -34.78 -7.94
CA ILE F 155 40.28 -34.53 -9.03
C ILE F 155 38.93 -34.19 -8.46
N ASP F 156 38.54 -34.91 -7.43
CA ASP F 156 37.34 -34.60 -6.70
C ASP F 156 37.37 -33.18 -6.22
N LYS F 157 38.49 -32.71 -5.68
CA LYS F 157 38.55 -31.27 -5.35
C LYS F 157 38.41 -30.31 -6.51
N GLU F 158 39.03 -30.63 -7.63
CA GLU F 158 38.86 -29.87 -8.87
C GLU F 158 37.38 -29.78 -9.29
N LEU F 159 36.70 -30.92 -9.24
CA LEU F 159 35.28 -31.01 -9.65
C LEU F 159 34.41 -30.13 -8.78
N SER F 160 34.78 -29.97 -7.49
CA SER F 160 33.99 -29.20 -6.56
C SER F 160 33.77 -27.73 -7.01
N THR F 161 34.68 -27.16 -7.81
CA THR F 161 34.59 -25.80 -8.36
C THR F 161 34.69 -25.71 -9.90
N LEU F 162 34.72 -26.87 -10.57
CA LEU F 162 34.85 -26.88 -12.06
C LEU F 162 33.65 -26.26 -12.74
N ASP F 163 33.94 -25.42 -13.72
CA ASP F 163 32.94 -24.82 -14.63
C ASP F 163 32.07 -23.94 -13.77
N THR F 164 32.67 -23.20 -12.83
CA THR F 164 31.87 -22.23 -12.08
C THR F 164 32.35 -20.81 -12.32
#